data_4REA
#
_entry.id   4REA
#
_cell.length_a   100.960
_cell.length_b   100.960
_cell.length_c   115.710
_cell.angle_alpha   90.00
_cell.angle_beta   90.00
_cell.angle_gamma   120.00
#
_symmetry.space_group_name_H-M   'P 31'
#
loop_
_entity.id
_entity.type
_entity.pdbx_description
1 polymer 'Fanconi-associated nuclease 1'
2 polymer "DNA (5'-D(*TP*GP*CP*TP*CP*GP*CP*CP*AP*C)-3')"
3 polymer "DNA (5'-D(P*CP*GP*TP*GP*GP*CP*GP*AP*GP*C)-3')"
4 polymer "DNA (5'-D(P*GP*GP*CP*GP*AP*GP*CP*GP*CP*TP*CP*GP*CP*CP*AP*CP*G)-3')"
#
loop_
_entity_poly.entity_id
_entity_poly.type
_entity_poly.pdbx_seq_one_letter_code
_entity_poly.pdbx_strand_id
1 'polypeptide(L)'
;EFPYYLRSFLVVLKTVLENEDDMLLFDEQEKGIVTKFYQLSATGQKLYVRLFQRKLSWIKMTKLEYEEIALDLTPVIEEL
TNAGFLQTESELQELSEVLELLSAPELKSLAKTFHLVNPNGQKQQLVDAFLKLAKQRSVCTWGKNKPGIGAVILKRAKAL
AGQSVRICKGPRAVFSRILLLFSLTDSMEDEDAACGGQGQLSTVLLVNLGRMEFPSYTINRKTHIFQDRDDLIRYAAATH
MLSDISSAMANGNWEEAKELAQCAKRDWNRLKNHPSLRCHEDLPLFLRCFTVGWIYTRILSRFVEILQRLHMYEEAVREL
ESLLSQRIYCPDSRGRWWDRLALNLHQHLKRLEPTIKCITEGLADPEVRTGHRLSLYQRAVRLRESPSCKKFKHLFQQLP
EMAVQDVKHVTITGRLCPQRGMCKSVFVMEAGEAADPTTVLCSVEELALAHYRRSGFDQGIHGEGSTFSTLYGLLLWDII
FMDGIPDVFRNACQAFPLDLCTDSFFTSRRPALEARLQLIHDAPEESLRAWVAATWHEQEGRVASLVSWDRFTSLQQAQD
LVSCLGGPVLSGVCRHLAADFRHCRGGLPALVVWNSQSRHFKLVEVKGPNDRLSHKQMIWLAELQKLGAEVEVCHVVAVG
AKSQSLS
;
B,A
2 'polydeoxyribonucleotide' (DT)(DG)(DC)(DT)(DC)(DG)(DC)(DC)(DA)(DC) C
3 'polydeoxyribonucleotide' (DC)(DG)(DT)(DG)(DG)(DC)(DG)(DA)(DG)(DC) D
4 'polydeoxyribonucleotide' (DG)(DG)(DC)(DG)(DA)(DG)(DC)(DG)(DC)(DT)(DC)(DG)(DC)(DC)(DA)(DC)(DG) E
#
loop_
_chem_comp.id
_chem_comp.type
_chem_comp.name
_chem_comp.formula
DA DNA linking 2'-DEOXYADENOSINE-5'-MONOPHOSPHATE 'C10 H14 N5 O6 P'
DC DNA linking 2'-DEOXYCYTIDINE-5'-MONOPHOSPHATE 'C9 H14 N3 O7 P'
DG DNA linking 2'-DEOXYGUANOSINE-5'-MONOPHOSPHATE 'C10 H14 N5 O7 P'
DT DNA linking THYMIDINE-5'-MONOPHOSPHATE 'C10 H15 N2 O8 P'
#
# COMPACT_ATOMS: atom_id res chain seq x y z
N GLU A 1 -4.61 -53.96 17.85
CA GLU A 1 -3.38 -54.75 18.16
C GLU A 1 -2.33 -54.72 17.05
N PHE A 2 -2.77 -54.64 15.79
CA PHE A 2 -1.90 -54.42 14.68
C PHE A 2 -2.36 -53.14 13.93
N PRO A 3 -1.86 -52.00 14.42
CA PRO A 3 -2.39 -50.70 14.00
C PRO A 3 -2.01 -50.30 12.58
N TYR A 4 -2.77 -49.34 12.06
CA TYR A 4 -2.62 -48.83 10.71
C TYR A 4 -1.21 -48.41 10.33
N TYR A 5 -0.53 -47.66 11.19
CA TYR A 5 0.77 -47.07 10.84
C TYR A 5 1.80 -48.17 10.61
N LEU A 6 1.66 -49.26 11.37
CA LEU A 6 2.58 -50.38 11.17
C LEU A 6 2.22 -51.12 9.89
N ARG A 7 0.92 -51.36 9.70
CA ARG A 7 0.44 -52.01 8.47
C ARG A 7 0.96 -51.29 7.23
N SER A 8 0.64 -50.00 7.11
CA SER A 8 1.14 -49.18 6.02
C SER A 8 2.67 -49.25 5.86
N PHE A 9 3.40 -49.14 6.98
CA PHE A 9 4.89 -49.26 6.98
C PHE A 9 5.32 -50.62 6.45
N LEU A 10 4.60 -51.67 6.83
CA LEU A 10 4.93 -53.00 6.32
C LEU A 10 4.68 -53.13 4.80
N VAL A 11 3.65 -52.47 4.31
CA VAL A 11 3.33 -52.54 2.87
C VAL A 11 4.46 -51.89 2.05
N VAL A 12 4.87 -50.70 2.46
CA VAL A 12 5.94 -49.98 1.83
C VAL A 12 7.21 -50.82 1.75
N LEU A 13 7.63 -51.43 2.87
CA LEU A 13 8.78 -52.32 2.82
C LEU A 13 8.58 -53.47 1.86
N LYS A 14 7.38 -54.05 1.84
CA LYS A 14 7.08 -55.19 1.00
C LYS A 14 7.32 -54.81 -0.47
N THR A 15 6.64 -53.74 -0.88
CA THR A 15 6.76 -53.25 -2.26
C THR A 15 8.20 -53.05 -2.68
N VAL A 16 8.96 -52.22 -1.96
CA VAL A 16 10.33 -51.93 -2.33
C VAL A 16 11.20 -53.19 -2.33
N LEU A 17 11.12 -53.98 -1.26
CA LEU A 17 11.87 -55.24 -1.16
C LEU A 17 11.60 -56.16 -2.34
N GLU A 18 10.37 -56.08 -2.88
CA GLU A 18 9.94 -56.94 -3.99
C GLU A 18 10.75 -56.70 -5.26
N ASN A 19 11.23 -55.48 -5.44
CA ASN A 19 11.96 -55.16 -6.65
C ASN A 19 13.46 -55.26 -6.51
N GLU A 20 14.09 -56.21 -7.21
CA GLU A 20 15.51 -56.48 -7.00
C GLU A 20 16.43 -55.35 -7.49
N ASP A 21 16.05 -54.65 -8.56
CA ASP A 21 16.90 -53.57 -9.07
C ASP A 21 16.91 -52.38 -8.13
N ASP A 22 15.76 -52.12 -7.53
CA ASP A 22 15.69 -51.06 -6.52
C ASP A 22 16.52 -51.42 -5.28
N MET A 23 16.52 -52.69 -4.94
CA MET A 23 17.32 -53.16 -3.83
C MET A 23 18.84 -53.00 -4.05
N LEU A 24 19.24 -52.85 -5.31
CA LEU A 24 20.64 -52.66 -5.64
C LEU A 24 21.13 -51.25 -5.33
N LEU A 25 20.21 -50.42 -4.86
CA LEU A 25 20.51 -49.03 -4.58
C LEU A 25 20.81 -48.89 -3.07
N PHE A 26 20.92 -50.04 -2.40
CA PHE A 26 21.44 -50.08 -1.03
C PHE A 26 22.63 -51.04 -0.98
N ASP A 27 23.60 -50.72 -0.14
CA ASP A 27 24.69 -51.66 0.16
C ASP A 27 24.30 -52.69 1.23
N GLU A 28 25.19 -53.62 1.51
CA GLU A 28 24.84 -54.82 2.30
C GLU A 28 24.47 -54.52 3.76
N GLN A 29 25.20 -53.59 4.35
CA GLN A 29 24.95 -53.22 5.73
C GLN A 29 23.58 -52.54 5.85
N GLU A 30 23.23 -51.80 4.80
CA GLU A 30 21.95 -51.10 4.76
C GLU A 30 20.81 -52.11 4.63
N LYS A 31 20.91 -53.05 3.71
CA LYS A 31 19.96 -54.14 3.60
C LYS A 31 19.83 -54.88 4.93
N GLY A 32 20.96 -55.12 5.57
CA GLY A 32 21.02 -55.74 6.90
C GLY A 32 20.22 -55.00 7.95
N ILE A 33 20.19 -53.69 7.81
CA ILE A 33 19.39 -52.90 8.74
C ILE A 33 17.91 -53.21 8.61
N VAL A 34 17.44 -53.38 7.38
CA VAL A 34 16.03 -53.65 7.17
C VAL A 34 15.73 -55.03 7.74
N THR A 35 16.63 -55.98 7.49
CA THR A 35 16.50 -57.30 8.10
C THR A 35 16.38 -57.19 9.61
N LYS A 36 17.26 -56.39 10.23
CA LYS A 36 17.25 -56.27 11.69
C LYS A 36 15.94 -55.68 12.18
N PHE A 37 15.38 -54.76 11.40
CA PHE A 37 14.10 -54.16 11.76
C PHE A 37 13.05 -55.25 11.79
N TYR A 38 13.06 -56.09 10.75
CA TYR A 38 12.13 -57.21 10.69
C TYR A 38 12.41 -58.20 11.85
N GLN A 39 13.68 -58.29 12.24
CA GLN A 39 14.10 -59.00 13.44
C GLN A 39 13.51 -58.39 14.72
N LEU A 40 13.27 -57.10 14.69
CA LEU A 40 12.84 -56.35 15.85
C LEU A 40 11.46 -56.77 16.31
N SER A 41 11.25 -56.68 17.62
CA SER A 41 10.04 -57.19 18.23
C SER A 41 8.81 -56.37 17.84
N ALA A 42 7.63 -56.98 17.91
CA ALA A 42 6.42 -56.27 17.50
C ALA A 42 6.21 -54.99 18.28
N THR A 43 6.46 -55.05 19.57
CA THR A 43 6.53 -53.85 20.39
C THR A 43 7.67 -52.98 19.85
N GLY A 44 8.77 -53.63 19.45
CA GLY A 44 9.89 -52.91 18.86
C GLY A 44 9.57 -52.25 17.53
N GLN A 45 8.77 -52.92 16.71
CA GLN A 45 8.45 -52.37 15.40
C GLN A 45 7.57 -51.16 15.57
N LYS A 46 6.66 -51.23 16.53
CA LYS A 46 5.71 -50.14 16.77
C LYS A 46 6.42 -48.85 17.22
N LEU A 47 7.27 -48.97 18.24
CA LEU A 47 8.07 -47.83 18.72
C LEU A 47 8.95 -47.23 17.63
N TYR A 48 9.64 -48.08 16.88
CA TYR A 48 10.49 -47.54 15.83
C TYR A 48 9.67 -46.71 14.87
N VAL A 49 8.57 -47.25 14.35
CA VAL A 49 7.76 -46.45 13.41
C VAL A 49 7.21 -45.18 14.09
N ARG A 50 6.76 -45.23 15.34
CA ARG A 50 6.27 -44.00 15.97
C ARG A 50 7.41 -42.95 16.09
N LEU A 51 8.64 -43.42 16.17
CA LEU A 51 9.75 -42.50 16.30
C LEU A 51 10.25 -42.11 14.94
N PHE A 52 10.13 -42.99 13.96
CA PHE A 52 10.56 -42.65 12.61
C PHE A 52 9.66 -41.52 12.04
N GLN A 53 8.40 -41.51 12.40
CA GLN A 53 7.50 -40.47 11.90
C GLN A 53 7.73 -39.14 12.57
N ARG A 54 8.44 -39.12 13.68
CA ARG A 54 8.82 -37.88 14.36
C ARG A 54 10.03 -37.25 13.65
N LYS A 55 10.25 -35.98 13.89
CA LYS A 55 11.44 -35.34 13.40
C LYS A 55 12.67 -36.08 13.92
N LEU A 56 13.70 -36.12 13.08
CA LEU A 56 15.02 -36.63 13.43
C LEU A 56 15.72 -35.70 14.46
N SER A 57 15.57 -36.05 15.71
CA SER A 57 15.82 -35.12 16.81
C SER A 57 15.72 -35.93 18.10
N TRP A 58 16.39 -35.46 19.15
CA TRP A 58 16.46 -36.23 20.35
C TRP A 58 15.12 -36.15 21.08
N ILE A 59 14.75 -37.23 21.76
CA ILE A 59 13.53 -37.17 22.55
C ILE A 59 13.80 -37.74 23.93
N LYS A 60 13.21 -37.16 24.96
CA LYS A 60 13.44 -37.70 26.32
C LYS A 60 12.65 -38.98 26.46
N MET A 61 13.27 -40.04 27.02
CA MET A 61 12.61 -41.31 27.14
C MET A 61 11.48 -41.25 28.16
N THR A 62 11.62 -40.32 29.09
CA THR A 62 10.62 -40.08 30.11
C THR A 62 9.43 -39.27 29.58
N LYS A 63 9.56 -38.75 28.36
CA LYS A 63 8.42 -38.12 27.69
C LYS A 63 7.68 -39.07 26.73
N LEU A 64 8.26 -40.23 26.47
CA LEU A 64 7.63 -41.24 25.64
C LEU A 64 6.45 -41.89 26.37
N GLU A 65 5.31 -41.75 25.75
CA GLU A 65 4.14 -42.51 26.19
C GLU A 65 3.44 -43.27 25.03
N TYR A 66 3.58 -44.60 25.04
CA TYR A 66 2.96 -45.45 24.07
C TYR A 66 2.57 -46.75 24.75
N GLU A 67 1.44 -46.68 25.47
CA GLU A 67 0.93 -47.86 26.17
C GLU A 67 0.58 -48.97 25.21
N GLU A 68 0.22 -48.63 23.99
CA GLU A 68 -0.13 -49.61 22.98
C GLU A 68 1.10 -50.41 22.53
N ILE A 69 2.30 -49.92 22.84
CA ILE A 69 3.54 -50.60 22.47
C ILE A 69 4.10 -51.42 23.63
N ALA A 70 4.20 -50.77 24.79
CA ALA A 70 4.66 -51.49 26.01
C ALA A 70 4.41 -50.63 27.20
N LEU A 71 4.10 -51.27 28.33
CA LEU A 71 3.80 -50.56 29.56
C LEU A 71 5.08 -49.97 30.14
N ASP A 72 6.17 -50.68 29.88
CA ASP A 72 7.52 -50.15 30.16
C ASP A 72 8.42 -50.21 28.93
N LEU A 73 8.70 -49.04 28.34
CA LEU A 73 9.38 -49.01 27.07
C LEU A 73 10.89 -49.17 27.16
N THR A 74 11.43 -49.05 28.37
CA THR A 74 12.87 -49.12 28.62
C THR A 74 13.55 -50.32 27.90
N PRO A 75 13.03 -51.57 28.10
CA PRO A 75 13.70 -52.61 27.37
C PRO A 75 13.51 -52.53 25.87
N VAL A 76 12.45 -51.92 25.38
CA VAL A 76 12.26 -51.78 23.93
C VAL A 76 13.34 -50.84 23.37
N ILE A 77 13.47 -49.67 24.01
CA ILE A 77 14.57 -48.72 23.72
C ILE A 77 15.89 -49.47 23.70
N GLU A 78 16.09 -50.30 24.74
CA GLU A 78 17.29 -51.12 24.83
C GLU A 78 17.48 -52.02 23.63
N GLU A 79 16.44 -52.73 23.21
CA GLU A 79 16.50 -53.55 21.99
C GLU A 79 16.91 -52.71 20.78
N LEU A 80 16.23 -51.59 20.59
CA LEU A 80 16.51 -50.76 19.42
C LEU A 80 17.93 -50.17 19.49
N THR A 81 18.40 -49.86 20.70
CA THR A 81 19.78 -49.37 20.85
C THR A 81 20.82 -50.44 20.53
N ASN A 82 20.63 -51.63 21.09
CA ASN A 82 21.57 -52.74 20.88
C ASN A 82 21.67 -53.07 19.40
N ALA A 83 20.56 -52.88 18.69
CA ALA A 83 20.48 -53.25 17.28
C ALA A 83 21.02 -52.16 16.36
N GLY A 84 21.33 -51.00 16.93
CA GLY A 84 21.87 -49.88 16.16
C GLY A 84 20.82 -49.01 15.45
N PHE A 85 19.60 -48.98 16.00
CA PHE A 85 18.51 -48.25 15.39
C PHE A 85 18.23 -46.91 16.06
N LEU A 86 18.44 -46.88 17.38
CA LEU A 86 18.42 -45.67 18.21
C LEU A 86 19.78 -45.48 18.87
N GLN A 87 20.13 -44.21 19.11
CA GLN A 87 21.26 -43.89 19.94
C GLN A 87 20.73 -43.23 21.19
N THR A 88 21.39 -43.51 22.32
CA THR A 88 21.05 -42.93 23.63
C THR A 88 22.00 -41.75 23.96
N GLU A 89 21.72 -41.08 25.07
CA GLU A 89 22.40 -39.84 25.42
C GLU A 89 23.93 -39.97 25.60
N SER A 90 24.43 -41.19 25.66
CA SER A 90 25.87 -41.39 25.69
C SER A 90 26.53 -40.85 24.43
N GLU A 91 25.76 -40.75 23.35
CA GLU A 91 26.30 -40.27 22.07
C GLU A 91 25.79 -38.86 21.77
N LEU A 92 25.06 -38.30 22.73
CA LEU A 92 24.67 -36.90 22.66
C LEU A 92 25.87 -36.00 22.99
N GLN A 93 26.51 -35.47 21.95
CA GLN A 93 27.78 -34.76 22.10
C GLN A 93 27.77 -33.36 21.50
N GLU A 94 26.68 -33.00 20.82
CA GLU A 94 26.58 -31.70 20.16
C GLU A 94 25.71 -30.74 20.94
N LEU A 95 26.28 -29.60 21.27
CA LEU A 95 25.64 -28.62 22.13
C LEU A 95 24.28 -28.16 21.59
N SER A 96 24.28 -27.82 20.29
CA SER A 96 23.03 -27.39 19.66
C SER A 96 21.97 -28.49 19.73
N GLU A 97 22.33 -29.75 19.49
CA GLU A 97 21.37 -30.84 19.53
C GLU A 97 20.67 -30.90 20.91
N VAL A 98 21.44 -30.72 21.98
CA VAL A 98 20.86 -30.88 23.32
C VAL A 98 20.07 -29.63 23.70
N LEU A 99 20.59 -28.46 23.32
CA LEU A 99 19.86 -27.25 23.60
C LEU A 99 18.54 -27.23 22.84
N GLU A 100 18.47 -27.94 21.71
CA GLU A 100 17.20 -28.03 20.99
C GLU A 100 16.22 -28.97 21.65
N LEU A 101 16.73 -29.97 22.38
CA LEU A 101 15.86 -30.92 23.09
C LEU A 101 15.10 -30.35 24.34
N LEU A 102 15.60 -29.29 24.97
CA LEU A 102 14.96 -28.78 26.21
C LEU A 102 13.75 -27.87 26.00
N SER A 103 12.74 -28.05 26.87
CA SER A 103 11.56 -27.18 26.90
C SER A 103 11.91 -25.85 27.58
N ALA A 104 10.90 -25.07 27.93
CA ALA A 104 11.11 -23.72 28.39
C ALA A 104 11.60 -23.72 29.84
N PRO A 105 10.75 -24.26 30.74
CA PRO A 105 11.26 -24.28 32.14
C PRO A 105 12.75 -24.74 32.20
N GLU A 106 13.07 -25.81 31.45
CA GLU A 106 14.38 -26.44 31.56
C GLU A 106 15.50 -25.50 31.10
N LEU A 107 15.24 -24.84 29.97
CA LEU A 107 16.20 -23.91 29.41
C LEU A 107 16.41 -22.75 30.36
N LYS A 108 15.33 -22.33 31.01
CA LYS A 108 15.41 -21.28 32.01
C LYS A 108 16.28 -21.75 33.16
N SER A 109 15.96 -22.93 33.69
CA SER A 109 16.71 -23.55 34.77
C SER A 109 18.21 -23.60 34.45
N LEU A 110 18.55 -24.16 33.28
CA LEU A 110 19.93 -24.21 32.86
C LEU A 110 20.54 -22.81 32.81
N ALA A 111 19.73 -21.84 32.42
CA ALA A 111 20.20 -20.46 32.27
C ALA A 111 20.61 -19.89 33.61
N LYS A 112 19.80 -20.13 34.64
CA LYS A 112 20.12 -19.68 35.98
C LYS A 112 21.42 -20.34 36.44
N THR A 113 21.51 -21.66 36.21
CA THR A 113 22.69 -22.46 36.53
C THR A 113 23.99 -21.85 36.01
N PHE A 114 24.03 -21.45 34.75
CA PHE A 114 25.27 -20.87 34.24
C PHE A 114 25.34 -19.36 34.35
N HIS A 115 24.50 -18.79 35.21
CA HIS A 115 24.47 -17.35 35.44
C HIS A 115 24.26 -16.59 34.14
N LEU A 116 23.35 -17.06 33.30
CA LEU A 116 23.07 -16.33 32.10
C LEU A 116 22.29 -15.08 32.44
N VAL A 117 22.63 -14.00 31.76
CA VAL A 117 21.89 -12.77 31.80
C VAL A 117 20.57 -13.10 31.13
N ASN A 118 19.47 -12.64 31.73
CA ASN A 118 18.08 -12.84 31.26
C ASN A 118 17.43 -14.28 31.18
N PRO A 119 17.54 -15.10 32.26
CA PRO A 119 16.93 -16.42 32.19
C PRO A 119 15.44 -16.35 31.83
N ASN A 120 14.87 -15.16 31.71
CA ASN A 120 13.44 -15.06 31.40
C ASN A 120 13.21 -14.78 29.96
N GLY A 121 14.31 -14.67 29.19
CA GLY A 121 14.24 -14.54 27.75
C GLY A 121 13.53 -15.73 27.11
N GLN A 122 13.06 -15.56 25.86
CA GLN A 122 12.40 -16.64 25.13
C GLN A 122 13.39 -17.75 24.75
N LYS A 123 12.85 -18.94 24.50
CA LYS A 123 13.66 -20.16 24.42
C LYS A 123 14.75 -20.05 23.37
N GLN A 124 14.35 -19.63 22.18
CA GLN A 124 15.28 -19.50 21.09
C GLN A 124 16.42 -18.51 21.44
N GLN A 125 16.10 -17.48 22.23
CA GLN A 125 17.13 -16.50 22.62
C GLN A 125 18.12 -17.14 23.61
N LEU A 126 17.58 -17.80 24.64
CA LEU A 126 18.40 -18.63 25.53
C LEU A 126 19.26 -19.65 24.80
N VAL A 127 18.66 -20.48 23.93
CA VAL A 127 19.38 -21.49 23.15
C VAL A 127 20.55 -20.83 22.43
N ASP A 128 20.26 -19.70 21.78
CA ASP A 128 21.29 -18.94 21.08
C ASP A 128 22.35 -18.34 22.01
N ALA A 129 21.92 -17.79 23.14
CA ALA A 129 22.88 -17.28 24.11
C ALA A 129 23.80 -18.40 24.62
N PHE A 130 23.24 -19.54 24.97
CA PHE A 130 24.07 -20.67 25.46
C PHE A 130 25.06 -21.12 24.38
N LEU A 131 24.65 -21.15 23.13
CA LEU A 131 25.48 -21.66 22.10
C LEU A 131 26.63 -20.70 21.78
N LYS A 132 26.34 -19.42 21.91
CA LYS A 132 27.38 -18.41 21.78
C LYS A 132 28.37 -18.57 22.94
N LEU A 133 27.84 -18.54 24.15
CA LEU A 133 28.62 -18.79 25.36
C LEU A 133 29.53 -20.00 25.22
N ALA A 134 29.06 -21.02 24.49
CA ALA A 134 29.85 -22.23 24.28
C ALA A 134 30.99 -22.02 23.27
N LYS A 135 30.90 -20.94 22.49
CA LYS A 135 31.95 -20.63 21.53
C LYS A 135 33.25 -20.11 22.22
N GLN A 136 33.17 -19.74 23.48
CA GLN A 136 34.35 -19.60 24.33
C GLN A 136 34.95 -21.01 24.49
N GLY A 148 36.17 -26.56 24.76
CA GLY A 148 35.76 -25.39 25.56
C GLY A 148 34.81 -25.71 26.69
N ILE A 149 34.07 -24.68 27.13
CA ILE A 149 33.02 -24.83 28.14
C ILE A 149 31.76 -25.55 27.58
N GLY A 150 31.81 -25.92 26.30
CA GLY A 150 30.68 -26.57 25.67
C GLY A 150 30.31 -27.85 26.39
N ALA A 151 31.34 -28.66 26.67
CA ALA A 151 31.21 -29.91 27.41
C ALA A 151 30.40 -29.78 28.72
N VAL A 152 30.60 -28.66 29.44
CA VAL A 152 29.89 -28.43 30.70
C VAL A 152 28.43 -28.05 30.47
N ILE A 153 28.18 -27.21 29.48
CA ILE A 153 26.80 -26.91 29.17
C ILE A 153 26.12 -28.21 28.74
N LEU A 154 26.84 -29.04 27.99
CA LEU A 154 26.30 -30.31 27.50
C LEU A 154 25.85 -31.22 28.64
N LYS A 155 26.68 -31.37 29.68
CA LYS A 155 26.37 -32.39 30.68
C LYS A 155 25.21 -31.92 31.52
N ARG A 156 25.15 -30.62 31.77
CA ARG A 156 24.10 -30.06 32.61
C ARG A 156 22.74 -30.13 31.88
N ALA A 157 22.77 -29.90 30.56
CA ALA A 157 21.56 -30.05 29.73
C ALA A 157 21.03 -31.51 29.74
N LYS A 158 21.97 -32.44 29.62
CA LYS A 158 21.64 -33.87 29.64
C LYS A 158 21.07 -34.27 31.00
N ALA A 159 21.62 -33.72 32.08
CA ALA A 159 21.07 -33.93 33.42
C ALA A 159 19.59 -33.50 33.45
N LEU A 160 19.29 -32.37 32.83
CA LEU A 160 17.92 -31.91 32.76
C LEU A 160 17.06 -32.79 31.85
N ALA A 161 17.53 -33.08 30.64
CA ALA A 161 16.80 -33.93 29.71
C ALA A 161 16.43 -35.33 30.26
N GLY A 162 17.30 -35.88 31.08
CA GLY A 162 17.25 -37.28 31.47
C GLY A 162 17.73 -38.20 30.38
N GLN A 163 17.46 -39.49 30.55
CA GLN A 163 17.65 -40.51 29.51
C GLN A 163 16.95 -40.10 28.20
N SER A 164 17.69 -40.17 27.10
CA SER A 164 17.17 -39.64 25.84
C SER A 164 17.66 -40.43 24.66
N VAL A 165 16.86 -40.46 23.60
CA VAL A 165 17.22 -41.21 22.42
C VAL A 165 17.03 -40.34 21.18
N ARG A 166 17.79 -40.67 20.13
CA ARG A 166 17.48 -40.19 18.80
C ARG A 166 17.64 -41.39 17.82
N ILE A 167 16.80 -41.37 16.79
CA ILE A 167 16.89 -42.30 15.65
C ILE A 167 18.25 -42.17 14.97
N CYS A 168 18.98 -43.28 14.81
CA CYS A 168 20.30 -43.20 14.18
C CYS A 168 20.21 -42.84 12.71
N LYS A 169 21.09 -41.98 12.24
CA LYS A 169 20.86 -41.31 10.96
C LYS A 169 21.16 -42.19 9.76
N GLY A 170 22.16 -43.06 9.88
CA GLY A 170 22.45 -44.03 8.84
C GLY A 170 21.21 -44.87 8.48
N PRO A 171 20.74 -45.70 9.42
CA PRO A 171 19.57 -46.54 9.13
C PRO A 171 18.34 -45.72 8.75
N ARG A 172 18.14 -44.60 9.41
CA ARG A 172 16.99 -43.74 9.09
C ARG A 172 17.00 -43.34 7.63
N ALA A 173 18.18 -43.02 7.08
CA ALA A 173 18.23 -42.56 5.69
C ALA A 173 17.96 -43.72 4.73
N VAL A 174 18.18 -44.95 5.19
CA VAL A 174 17.90 -46.11 4.35
C VAL A 174 16.39 -46.25 4.19
N PHE A 175 15.68 -46.20 5.30
CA PHE A 175 14.24 -46.32 5.31
C PHE A 175 13.66 -45.15 4.56
N SER A 176 14.32 -44.01 4.70
CA SER A 176 13.90 -42.81 4.04
C SER A 176 13.89 -42.94 2.52
N ARG A 177 14.95 -43.52 1.98
CA ARG A 177 15.03 -43.76 0.54
C ARG A 177 14.08 -44.87 0.12
N ILE A 178 13.82 -45.84 0.98
CA ILE A 178 12.86 -46.89 0.68
C ILE A 178 11.48 -46.28 0.53
N LEU A 179 11.07 -45.48 1.51
CA LEU A 179 9.83 -44.72 1.44
C LEU A 179 9.72 -43.92 0.11
N LEU A 180 10.79 -43.26 -0.27
CA LEU A 180 10.79 -42.50 -1.49
C LEU A 180 10.50 -43.37 -2.67
N LEU A 181 11.14 -44.52 -2.72
CA LEU A 181 10.97 -45.48 -3.80
C LEU A 181 9.53 -46.01 -3.86
N PHE A 182 8.84 -46.02 -2.74
CA PHE A 182 7.52 -46.60 -2.72
C PHE A 182 6.53 -45.60 -3.33
N SER A 183 6.66 -44.36 -2.92
CA SER A 183 5.72 -43.33 -3.32
C SER A 183 6.46 -42.06 -3.65
N LEU A 184 6.87 -41.96 -4.91
CA LEU A 184 7.60 -40.80 -5.43
C LEU A 184 6.78 -39.50 -5.44
N THR A 185 5.47 -39.62 -5.68
CA THR A 185 4.62 -38.41 -5.73
C THR A 185 4.25 -37.86 -4.34
N ASP A 186 4.81 -38.45 -3.27
CA ASP A 186 4.67 -37.91 -1.93
C ASP A 186 5.87 -37.00 -1.56
N SER A 187 6.92 -37.10 -2.38
CA SER A 187 8.20 -36.45 -2.12
C SER A 187 8.18 -34.91 -2.27
N MET A 188 7.52 -34.44 -3.31
CA MET A 188 7.37 -32.99 -3.53
C MET A 188 5.96 -32.50 -3.18
N GLU A 189 5.17 -33.40 -2.64
CA GLU A 189 3.75 -33.16 -2.34
C GLU A 189 3.56 -31.92 -1.45
N ASP A 190 4.41 -31.82 -0.43
CA ASP A 190 4.38 -30.68 0.49
C ASP A 190 4.04 -29.33 -0.19
N GLU A 191 4.65 -29.09 -1.36
CA GLU A 191 4.39 -27.85 -2.08
C GLU A 191 3.21 -28.02 -3.01
N LEU A 205 2.98 -44.10 1.41
CA LEU A 205 3.00 -44.61 2.77
C LEU A 205 1.65 -44.42 3.48
N LEU A 206 0.66 -43.88 2.78
CA LEU A 206 -0.45 -43.24 3.44
C LEU A 206 -1.32 -44.21 4.26
N VAL A 207 -2.01 -43.68 5.28
CA VAL A 207 -2.47 -44.46 6.43
C VAL A 207 -3.31 -45.71 6.15
N ASN A 208 -4.22 -45.60 5.19
CA ASN A 208 -5.21 -46.67 4.98
C ASN A 208 -4.59 -47.97 4.48
N LEU A 209 -3.31 -47.93 4.12
CA LEU A 209 -2.69 -48.92 3.22
C LEU A 209 -3.18 -50.36 3.42
N GLY A 210 -3.31 -50.78 4.66
CA GLY A 210 -3.88 -52.09 4.94
C GLY A 210 -5.29 -52.25 4.40
N ARG A 211 -6.03 -51.14 4.29
CA ARG A 211 -7.47 -51.22 4.00
C ARG A 211 -7.90 -50.67 2.65
N MET A 212 -7.05 -49.91 1.96
CA MET A 212 -7.44 -49.40 0.64
C MET A 212 -7.31 -50.46 -0.44
N GLU A 213 -8.33 -50.54 -1.28
CA GLU A 213 -8.32 -51.40 -2.48
C GLU A 213 -7.81 -50.57 -3.67
N PHE A 214 -6.76 -51.01 -4.35
CA PHE A 214 -6.13 -50.18 -5.38
C PHE A 214 -6.64 -50.50 -6.78
N PRO A 215 -6.42 -49.63 -7.78
CA PRO A 215 -6.99 -49.94 -9.08
C PRO A 215 -6.32 -51.14 -9.73
N SER A 216 -6.91 -51.67 -10.79
CA SER A 216 -6.34 -52.82 -11.48
C SER A 216 -5.48 -52.31 -12.62
N TYR A 217 -4.37 -52.96 -12.88
CA TYR A 217 -3.50 -52.61 -14.00
C TYR A 217 -2.44 -53.67 -14.01
N THR A 218 -1.52 -53.61 -14.97
CA THR A 218 -0.41 -54.55 -14.94
C THR A 218 0.90 -53.82 -14.53
N ILE A 219 1.64 -54.45 -13.64
CA ILE A 219 2.91 -53.90 -13.12
C ILE A 219 3.85 -53.81 -14.32
N ASN A 220 4.55 -52.68 -14.54
CA ASN A 220 5.23 -52.50 -15.80
C ASN A 220 6.46 -51.63 -15.65
N ARG A 221 7.62 -52.24 -15.42
CA ARG A 221 8.94 -51.50 -15.45
C ARG A 221 9.66 -51.61 -16.78
N LYS A 222 10.18 -50.50 -17.31
CA LYS A 222 10.93 -50.54 -18.56
C LYS A 222 12.17 -49.67 -18.53
N THR A 223 12.20 -48.70 -17.61
CA THR A 223 13.34 -47.82 -17.43
C THR A 223 13.89 -47.91 -16.01
N HIS A 224 15.21 -47.85 -15.92
CA HIS A 224 15.87 -47.46 -14.68
C HIS A 224 15.79 -45.96 -14.55
N ILE A 225 15.39 -45.53 -13.36
CA ILE A 225 15.23 -44.12 -13.10
C ILE A 225 16.54 -43.57 -12.55
N PHE A 226 17.19 -44.31 -11.63
CA PHE A 226 18.41 -43.84 -11.02
C PHE A 226 19.61 -44.58 -11.60
N GLN A 227 20.60 -43.81 -11.99
CA GLN A 227 21.76 -44.43 -12.66
C GLN A 227 22.61 -45.22 -11.73
N ASP A 228 22.68 -44.83 -10.45
CA ASP A 228 23.39 -45.59 -9.43
C ASP A 228 22.87 -45.26 -8.03
N ARG A 229 23.30 -46.05 -7.07
CA ARG A 229 23.00 -45.85 -5.67
C ARG A 229 23.22 -44.37 -5.23
N ASP A 230 24.31 -43.79 -5.70
CA ASP A 230 24.67 -42.43 -5.35
C ASP A 230 23.69 -41.39 -5.95
N ASP A 231 23.35 -41.59 -7.21
CA ASP A 231 22.35 -40.75 -7.87
C ASP A 231 21.03 -40.76 -7.14
N LEU A 232 20.55 -41.90 -6.72
CA LEU A 232 19.36 -41.97 -5.88
C LEU A 232 19.50 -41.17 -4.60
N ILE A 233 20.66 -41.30 -3.96
CA ILE A 233 20.90 -40.58 -2.68
C ILE A 233 20.94 -39.09 -2.90
N ARG A 234 21.58 -38.64 -3.97
CA ARG A 234 21.59 -37.21 -4.27
C ARG A 234 20.15 -36.76 -4.59
N TYR A 235 19.42 -37.55 -5.36
CA TYR A 235 18.01 -37.26 -5.64
C TYR A 235 17.21 -37.07 -4.33
N ALA A 236 17.36 -38.02 -3.41
CA ALA A 236 16.61 -38.01 -2.17
C ALA A 236 16.95 -36.78 -1.34
N ALA A 237 18.22 -36.41 -1.30
CA ALA A 237 18.62 -35.26 -0.49
C ALA A 237 18.13 -33.99 -1.13
N ALA A 238 18.06 -33.91 -2.45
CA ALA A 238 17.46 -32.75 -3.07
C ALA A 238 16.00 -32.64 -2.62
N THR A 239 15.29 -33.76 -2.67
CA THR A 239 13.88 -33.82 -2.25
C THR A 239 13.69 -33.24 -0.84
N HIS A 240 14.50 -33.69 0.10
CA HIS A 240 14.39 -33.26 1.49
C HIS A 240 14.67 -31.78 1.63
N MET A 241 15.68 -31.30 0.92
CA MET A 241 15.96 -29.87 0.89
C MET A 241 14.76 -29.07 0.38
N LEU A 242 14.16 -29.52 -0.71
CA LEU A 242 13.00 -28.83 -1.30
C LEU A 242 11.88 -28.81 -0.27
N SER A 243 11.75 -29.91 0.44
CA SER A 243 10.75 -30.01 1.48
C SER A 243 11.07 -29.05 2.63
N ASP A 244 12.34 -28.94 2.98
CA ASP A 244 12.75 -28.00 4.02
C ASP A 244 12.44 -26.56 3.66
N ILE A 245 12.90 -26.14 2.50
CA ILE A 245 12.68 -24.79 1.97
C ILE A 245 11.20 -24.45 1.95
N SER A 246 10.42 -25.36 1.40
CA SER A 246 8.98 -25.18 1.31
C SER A 246 8.38 -24.99 2.69
N SER A 247 8.77 -25.80 3.65
CA SER A 247 8.33 -25.58 5.02
C SER A 247 8.63 -24.18 5.52
N ALA A 248 9.89 -23.74 5.40
CA ALA A 248 10.28 -22.40 5.81
C ALA A 248 9.40 -21.30 5.19
N MET A 249 9.26 -21.31 3.87
CA MET A 249 8.37 -20.38 3.17
C MET A 249 6.97 -20.37 3.75
N ALA A 250 6.45 -21.56 4.06
CA ALA A 250 5.07 -21.68 4.54
C ALA A 250 4.86 -20.93 5.84
N ASN A 251 5.91 -20.86 6.64
CA ASN A 251 5.89 -20.21 7.96
C ASN A 251 6.30 -18.76 7.89
N GLY A 252 6.56 -18.25 6.68
CA GLY A 252 7.01 -16.88 6.54
C GLY A 252 8.45 -16.70 6.92
N ASN A 253 9.22 -17.79 6.92
CA ASN A 253 10.65 -17.71 7.21
C ASN A 253 11.49 -17.45 5.97
N TRP A 254 11.21 -16.37 5.26
CA TRP A 254 11.73 -16.18 3.92
C TRP A 254 13.22 -15.98 3.87
N GLU A 255 13.79 -15.50 4.96
CA GLU A 255 15.24 -15.27 5.03
C GLU A 255 15.97 -16.59 5.14
N GLU A 256 15.55 -17.44 6.07
CA GLU A 256 16.08 -18.79 6.16
C GLU A 256 15.78 -19.58 4.87
N ALA A 257 14.60 -19.37 4.30
CA ALA A 257 14.22 -20.07 3.08
C ALA A 257 15.14 -19.73 1.94
N LYS A 258 15.60 -18.47 1.94
CA LYS A 258 16.50 -17.97 0.88
C LYS A 258 17.88 -18.62 0.93
N GLU A 259 18.44 -18.71 2.13
CA GLU A 259 19.76 -19.24 2.36
C GLU A 259 19.82 -20.72 1.94
N LEU A 260 18.83 -21.46 2.44
CA LEU A 260 18.64 -22.86 2.05
C LEU A 260 18.62 -22.99 0.52
N ALA A 261 17.83 -22.13 -0.13
CA ALA A 261 17.76 -22.18 -1.59
C ALA A 261 19.06 -21.82 -2.27
N GLN A 262 19.80 -20.90 -1.66
CA GLN A 262 21.10 -20.45 -2.21
C GLN A 262 22.10 -21.60 -2.17
N CYS A 263 22.11 -22.33 -1.06
CA CYS A 263 22.95 -23.52 -0.95
C CYS A 263 22.55 -24.58 -1.96
N ALA A 264 21.24 -24.87 -2.01
CA ALA A 264 20.71 -25.84 -2.96
C ALA A 264 21.11 -25.41 -4.35
N LYS A 265 21.04 -24.09 -4.59
CA LYS A 265 21.41 -23.57 -5.89
C LYS A 265 22.86 -23.92 -6.15
N ARG A 266 23.71 -23.77 -5.11
CA ARG A 266 25.15 -24.11 -5.24
C ARG A 266 25.44 -25.56 -5.47
N ASP A 267 24.70 -26.43 -4.80
CA ASP A 267 24.88 -27.87 -4.95
C ASP A 267 24.49 -28.33 -6.37
N TRP A 268 23.49 -27.67 -6.99
CA TRP A 268 23.09 -28.07 -8.32
C TRP A 268 24.08 -27.70 -9.43
N ASN A 269 24.55 -26.46 -9.46
N ASN A 269 24.54 -26.45 -9.46
CA ASN A 269 25.55 -26.07 -10.47
CA ASN A 269 25.52 -26.03 -10.45
C ASN A 269 26.89 -26.76 -10.22
C ASN A 269 26.86 -26.76 -10.22
N ARG A 270 27.15 -27.05 -8.95
CA ARG A 270 28.30 -27.83 -8.48
C ARG A 270 28.28 -29.28 -9.04
N LEU A 271 27.18 -29.63 -9.66
CA LEU A 271 26.98 -31.00 -10.10
C LEU A 271 26.75 -31.04 -11.61
N LYS A 272 26.55 -29.92 -12.27
CA LYS A 272 25.73 -29.92 -13.54
C LYS A 272 25.97 -30.92 -14.68
N ASN A 273 27.21 -31.09 -15.10
CA ASN A 273 27.44 -31.97 -16.27
C ASN A 273 27.97 -33.36 -15.85
N HIS A 274 27.64 -33.71 -14.62
CA HIS A 274 27.99 -35.00 -14.06
C HIS A 274 27.29 -36.11 -14.83
N PRO A 275 27.99 -37.23 -15.01
CA PRO A 275 27.63 -38.34 -15.91
C PRO A 275 26.15 -38.79 -15.81
N SER A 276 25.62 -38.70 -14.61
CA SER A 276 24.31 -39.28 -14.33
C SER A 276 23.19 -38.52 -15.04
N LEU A 277 23.46 -37.26 -15.34
CA LEU A 277 22.48 -36.38 -15.96
C LEU A 277 22.18 -36.82 -17.38
N ARG A 278 23.21 -37.31 -18.07
CA ARG A 278 23.04 -37.76 -19.44
C ARG A 278 21.95 -38.84 -19.53
N CYS A 279 21.95 -39.73 -18.54
CA CYS A 279 20.96 -40.80 -18.52
C CYS A 279 19.58 -40.29 -18.09
N HIS A 280 19.54 -39.29 -17.24
CA HIS A 280 18.29 -38.67 -16.87
C HIS A 280 17.59 -38.01 -18.05
N GLU A 281 18.36 -37.40 -18.94
CA GLU A 281 17.80 -36.75 -20.14
C GLU A 281 17.16 -37.76 -21.09
N ASP A 282 17.55 -39.02 -20.96
CA ASP A 282 17.06 -40.08 -21.84
C ASP A 282 15.67 -40.57 -21.38
N LEU A 283 15.36 -40.30 -20.12
CA LEU A 283 14.10 -40.78 -19.54
C LEU A 283 12.91 -40.05 -20.12
N PRO A 284 11.80 -40.79 -20.30
CA PRO A 284 10.57 -40.11 -20.71
C PRO A 284 10.11 -39.16 -19.58
N LEU A 285 9.34 -38.14 -19.96
CA LEU A 285 8.95 -37.09 -19.04
C LEU A 285 8.35 -37.58 -17.72
N PHE A 286 7.58 -38.68 -17.77
CA PHE A 286 6.85 -39.08 -16.58
C PHE A 286 7.72 -39.84 -15.59
N LEU A 287 8.92 -40.21 -16.00
CA LEU A 287 9.96 -40.67 -15.07
C LEU A 287 10.98 -39.60 -14.79
N ARG A 288 11.19 -38.67 -15.74
CA ARG A 288 12.18 -37.62 -15.61
C ARG A 288 11.93 -36.77 -14.38
N CYS A 289 10.67 -36.75 -13.92
CA CYS A 289 10.31 -35.98 -12.73
C CYS A 289 10.93 -36.57 -11.48
N PHE A 290 11.46 -37.78 -11.62
CA PHE A 290 12.08 -38.49 -10.48
C PHE A 290 13.60 -38.50 -10.63
N THR A 291 14.16 -37.35 -11.03
CA THR A 291 15.60 -37.21 -11.17
C THR A 291 16.09 -35.91 -10.49
N VAL A 292 17.38 -35.90 -10.17
CA VAL A 292 17.95 -34.82 -9.37
C VAL A 292 17.78 -33.44 -10.04
N GLY A 293 18.01 -33.35 -11.34
CA GLY A 293 17.93 -32.07 -12.05
C GLY A 293 16.55 -31.46 -12.00
N TRP A 294 15.53 -32.29 -12.19
CA TRP A 294 14.13 -31.87 -12.17
C TRP A 294 13.78 -31.27 -10.83
N ILE A 295 14.25 -31.93 -9.77
CA ILE A 295 14.03 -31.43 -8.41
C ILE A 295 14.71 -30.07 -8.18
N TYR A 296 15.92 -29.88 -8.69
CA TYR A 296 16.59 -28.60 -8.48
C TYR A 296 15.93 -27.50 -9.28
N THR A 297 15.37 -27.88 -10.43
CA THR A 297 14.59 -26.95 -11.23
C THR A 297 13.40 -26.49 -10.44
N ARG A 298 12.71 -27.43 -9.79
CA ARG A 298 11.57 -27.05 -8.94
C ARG A 298 12.07 -26.14 -7.83
N ILE A 299 13.24 -26.47 -7.30
CA ILE A 299 13.81 -25.64 -6.23
C ILE A 299 14.04 -24.23 -6.74
N LEU A 300 14.65 -24.11 -7.92
CA LEU A 300 14.90 -22.77 -8.50
C LEU A 300 13.60 -22.03 -8.79
N SER A 301 12.53 -22.78 -9.09
CA SER A 301 11.26 -22.14 -9.35
C SER A 301 10.68 -21.54 -8.09
N ARG A 302 10.85 -22.19 -6.95
CA ARG A 302 10.48 -21.61 -5.67
C ARG A 302 11.38 -20.43 -5.38
N PHE A 303 12.62 -20.50 -5.85
CA PHE A 303 13.59 -19.43 -5.64
C PHE A 303 13.03 -18.15 -6.20
N VAL A 304 12.36 -18.28 -7.33
CA VAL A 304 11.76 -17.11 -7.98
C VAL A 304 10.74 -16.48 -7.05
N GLU A 305 9.85 -17.29 -6.48
CA GLU A 305 8.78 -16.78 -5.61
C GLU A 305 9.37 -16.13 -4.38
N ILE A 306 10.48 -16.69 -3.90
CA ILE A 306 11.12 -16.18 -2.70
C ILE A 306 11.67 -14.78 -3.00
N LEU A 307 12.45 -14.66 -4.08
CA LEU A 307 13.00 -13.39 -4.46
C LEU A 307 11.94 -12.32 -4.60
N GLN A 308 10.76 -12.65 -5.14
CA GLN A 308 9.68 -11.68 -5.28
C GLN A 308 9.07 -11.26 -3.94
N ARG A 309 8.84 -12.22 -3.06
CA ARG A 309 8.40 -11.91 -1.71
C ARG A 309 9.36 -10.92 -1.02
N LEU A 310 10.63 -11.01 -1.34
CA LEU A 310 11.69 -10.15 -0.83
C LEU A 310 11.90 -8.92 -1.70
N HIS A 311 11.05 -8.75 -2.71
CA HIS A 311 11.05 -7.60 -3.61
C HIS A 311 12.28 -7.51 -4.52
N MET A 312 13.01 -8.60 -4.64
CA MET A 312 14.30 -8.60 -5.34
C MET A 312 14.09 -8.88 -6.82
N TYR A 313 13.32 -8.02 -7.48
CA TYR A 313 12.84 -8.32 -8.82
C TYR A 313 13.93 -8.44 -9.85
N GLU A 314 15.02 -7.69 -9.67
CA GLU A 314 16.20 -7.83 -10.52
C GLU A 314 16.69 -9.29 -10.55
N GLU A 315 16.98 -9.83 -9.36
CA GLU A 315 17.53 -11.18 -9.22
C GLU A 315 16.56 -12.26 -9.65
N ALA A 316 15.27 -12.02 -9.44
CA ALA A 316 14.21 -12.95 -9.83
C ALA A 316 14.27 -13.21 -11.33
N VAL A 317 14.53 -12.16 -12.08
CA VAL A 317 14.51 -12.21 -13.53
C VAL A 317 15.66 -13.04 -14.11
N ARG A 318 16.87 -12.97 -13.54
CA ARG A 318 17.97 -13.77 -14.06
C ARG A 318 17.67 -15.24 -13.79
N GLU A 319 17.16 -15.56 -12.61
CA GLU A 319 16.82 -16.94 -12.28
C GLU A 319 15.77 -17.49 -13.26
N LEU A 320 14.79 -16.66 -13.61
CA LEU A 320 13.75 -17.05 -14.57
C LEU A 320 14.31 -17.30 -15.92
N GLU A 321 15.29 -16.48 -16.33
CA GLU A 321 15.92 -16.57 -17.64
C GLU A 321 16.79 -17.83 -17.69
N SER A 322 17.40 -18.12 -16.54
CA SER A 322 18.16 -19.32 -16.37
C SER A 322 17.26 -20.58 -16.48
N LEU A 323 16.18 -20.63 -15.71
CA LEU A 323 15.31 -21.79 -15.83
C LEU A 323 14.75 -21.92 -17.24
N LEU A 324 14.42 -20.81 -17.89
CA LEU A 324 13.90 -20.90 -19.21
C LEU A 324 14.97 -21.21 -20.25
N SER A 325 16.25 -21.17 -19.87
CA SER A 325 17.30 -21.39 -20.86
C SER A 325 17.60 -22.88 -21.05
N GLN A 326 17.12 -23.70 -20.13
CA GLN A 326 17.15 -25.15 -20.28
C GLN A 326 15.76 -25.70 -20.65
N ARG A 327 15.72 -26.73 -21.48
CA ARG A 327 14.46 -27.35 -21.88
C ARG A 327 14.36 -28.85 -21.59
N ILE A 328 15.02 -29.35 -20.56
CA ILE A 328 14.94 -30.78 -20.27
C ILE A 328 13.92 -31.08 -19.16
N TYR A 329 13.76 -30.14 -18.25
CA TYR A 329 12.95 -30.36 -17.06
C TYR A 329 11.77 -29.39 -16.94
N CYS A 330 10.69 -29.94 -16.42
CA CYS A 330 9.47 -29.20 -16.10
C CYS A 330 8.93 -28.33 -17.25
N PRO A 331 8.76 -28.90 -18.45
CA PRO A 331 8.09 -28.10 -19.49
C PRO A 331 6.70 -27.63 -19.04
N ASP A 332 6.04 -28.37 -18.15
CA ASP A 332 4.76 -28.01 -17.57
C ASP A 332 4.77 -26.61 -16.94
N SER A 333 5.95 -26.19 -16.51
CA SER A 333 6.04 -24.96 -15.73
C SER A 333 6.37 -23.74 -16.55
N ARG A 334 6.64 -23.93 -17.83
CA ARG A 334 7.17 -22.85 -18.67
C ARG A 334 6.19 -21.70 -18.74
N GLY A 335 4.89 -22.00 -18.81
CA GLY A 335 3.87 -20.96 -18.82
C GLY A 335 3.90 -20.11 -17.59
N ARG A 336 4.09 -20.73 -16.43
CA ARG A 336 4.17 -19.99 -15.19
C ARG A 336 5.37 -19.07 -15.23
N TRP A 337 6.49 -19.59 -15.75
CA TRP A 337 7.73 -18.83 -15.80
C TRP A 337 7.62 -17.61 -16.74
N TRP A 338 7.20 -17.85 -17.98
CA TRP A 338 7.06 -16.76 -18.93
C TRP A 338 6.19 -15.66 -18.38
N ASP A 339 5.01 -16.05 -17.89
CA ASP A 339 4.07 -15.09 -17.34
C ASP A 339 4.62 -14.28 -16.18
N ARG A 340 5.42 -14.91 -15.32
CA ARG A 340 5.93 -14.17 -14.16
C ARG A 340 7.02 -13.22 -14.65
N LEU A 341 7.85 -13.70 -15.61
CA LEU A 341 8.90 -12.90 -16.19
C LEU A 341 8.36 -11.61 -16.82
N ALA A 342 7.33 -11.75 -17.64
CA ALA A 342 6.64 -10.59 -18.25
C ALA A 342 6.12 -9.64 -17.20
N LEU A 343 5.48 -10.17 -16.17
CA LEU A 343 4.89 -9.31 -15.15
C LEU A 343 5.99 -8.53 -14.45
N ASN A 344 7.09 -9.17 -14.11
CA ASN A 344 8.10 -8.50 -13.33
C ASN A 344 8.73 -7.34 -14.11
N LEU A 345 9.01 -7.57 -15.38
CA LEU A 345 9.51 -6.49 -16.29
C LEU A 345 8.45 -5.44 -16.54
N HIS A 346 7.21 -5.86 -16.85
CA HIS A 346 6.14 -4.93 -17.15
C HIS A 346 5.79 -4.09 -15.94
N GLN A 347 5.77 -4.71 -14.77
CA GLN A 347 5.60 -3.99 -13.52
C GLN A 347 6.86 -4.00 -12.67
N HIS A 348 7.07 -2.88 -11.99
CA HIS A 348 8.31 -2.63 -11.23
C HIS A 348 9.51 -2.33 -12.14
N LEU A 349 9.91 -3.32 -12.93
CA LEU A 349 11.04 -3.17 -13.83
C LEU A 349 10.70 -2.13 -14.92
N LYS A 350 9.49 -2.25 -15.43
CA LYS A 350 8.95 -1.37 -16.47
C LYS A 350 9.82 -1.31 -17.73
N ARG A 351 10.52 -2.39 -18.04
CA ARG A 351 11.34 -2.44 -19.26
C ARG A 351 10.60 -3.06 -20.46
N LEU A 352 10.13 -2.16 -21.30
CA LEU A 352 8.97 -2.46 -22.11
C LEU A 352 9.22 -3.38 -23.30
N GLU A 353 10.34 -3.20 -23.98
CA GLU A 353 10.63 -3.95 -25.20
C GLU A 353 11.04 -5.42 -24.93
N PRO A 354 11.91 -5.65 -23.93
CA PRO A 354 12.21 -7.05 -23.64
C PRO A 354 10.98 -7.76 -23.12
N THR A 355 10.13 -7.04 -22.39
CA THR A 355 8.83 -7.57 -21.99
C THR A 355 8.02 -8.13 -23.18
N ILE A 356 7.89 -7.33 -24.21
CA ILE A 356 7.18 -7.74 -25.41
C ILE A 356 7.83 -8.95 -26.04
N LYS A 357 9.15 -8.94 -26.09
CA LYS A 357 9.91 -10.05 -26.63
C LYS A 357 9.57 -11.32 -25.85
N CYS A 358 9.60 -11.20 -24.54
CA CYS A 358 9.32 -12.27 -23.60
C CYS A 358 7.95 -12.90 -23.83
N ILE A 359 6.93 -12.07 -23.88
CA ILE A 359 5.56 -12.51 -24.10
C ILE A 359 5.42 -13.25 -25.43
N THR A 360 6.13 -12.75 -26.43
CA THR A 360 6.01 -13.35 -27.75
C THR A 360 6.72 -14.70 -27.81
N GLU A 361 7.88 -14.79 -27.16
CA GLU A 361 8.58 -16.07 -27.06
C GLU A 361 7.75 -17.03 -26.26
N GLY A 362 7.25 -16.58 -25.12
CA GLY A 362 6.32 -17.34 -24.32
C GLY A 362 5.15 -17.88 -25.14
N LEU A 363 4.50 -16.97 -25.83
CA LEU A 363 3.36 -17.37 -26.66
C LEU A 363 3.77 -18.33 -27.77
N ALA A 364 5.02 -18.25 -28.19
CA ALA A 364 5.56 -19.08 -29.26
C ALA A 364 5.86 -20.53 -28.74
N ASP A 365 6.11 -20.64 -27.45
CA ASP A 365 6.54 -21.90 -26.82
C ASP A 365 5.43 -22.95 -26.71
N PRO A 366 5.52 -24.04 -27.47
CA PRO A 366 4.44 -25.02 -27.52
C PRO A 366 4.20 -25.79 -26.21
N GLU A 367 5.09 -25.65 -25.23
CA GLU A 367 4.89 -26.32 -23.94
C GLU A 367 3.87 -25.53 -23.09
N VAL A 368 3.67 -24.25 -23.38
CA VAL A 368 2.84 -23.43 -22.53
C VAL A 368 1.37 -23.77 -22.67
N ARG A 369 0.73 -24.28 -21.62
CA ARG A 369 -0.67 -24.71 -21.67
C ARG A 369 -1.60 -23.50 -21.63
N THR A 370 -2.88 -23.71 -21.90
CA THR A 370 -3.72 -22.59 -22.36
C THR A 370 -4.00 -21.52 -21.30
N GLY A 371 -4.12 -21.93 -20.03
CA GLY A 371 -4.27 -20.97 -18.93
C GLY A 371 -3.19 -19.86 -18.90
N HIS A 372 -1.92 -20.24 -18.81
CA HIS A 372 -0.88 -19.24 -18.79
C HIS A 372 -0.74 -18.57 -20.13
N ARG A 373 -1.06 -19.30 -21.19
CA ARG A 373 -1.08 -18.72 -22.53
C ARG A 373 -2.03 -17.54 -22.59
N LEU A 374 -3.25 -17.75 -22.08
CA LEU A 374 -4.26 -16.71 -22.01
C LEU A 374 -3.76 -15.55 -21.17
N SER A 375 -3.06 -15.90 -20.09
CA SER A 375 -2.51 -14.91 -19.19
C SER A 375 -1.41 -14.09 -19.88
N LEU A 376 -0.62 -14.76 -20.71
CA LEU A 376 0.46 -14.06 -21.38
C LEU A 376 -0.07 -13.11 -22.44
N TYR A 377 -0.99 -13.61 -23.24
CA TYR A 377 -1.66 -12.84 -24.29
C TYR A 377 -2.34 -11.60 -23.75
N GLN A 378 -3.21 -11.79 -22.76
CA GLN A 378 -3.86 -10.71 -22.02
C GLN A 378 -2.88 -9.57 -21.72
N ARG A 379 -1.67 -9.93 -21.28
CA ARG A 379 -0.66 -8.95 -20.96
C ARG A 379 -0.11 -8.26 -22.24
N ALA A 380 -0.10 -9.00 -23.34
CA ALA A 380 0.37 -8.45 -24.61
C ALA A 380 -0.58 -7.36 -25.09
N VAL A 381 -1.85 -7.67 -25.14
CA VAL A 381 -2.90 -6.72 -25.51
C VAL A 381 -2.75 -5.45 -24.69
N ARG A 382 -2.64 -5.58 -23.38
CA ARG A 382 -2.44 -4.44 -22.50
C ARG A 382 -1.22 -3.58 -22.95
N LEU A 383 -0.13 -4.23 -23.31
CA LEU A 383 1.10 -3.53 -23.65
C LEU A 383 1.06 -2.92 -25.04
N ARG A 384 0.39 -3.58 -25.94
CA ARG A 384 0.25 -3.18 -27.33
C ARG A 384 -0.67 -1.96 -27.49
N GLU A 385 -1.31 -1.53 -26.40
CA GLU A 385 -2.36 -0.54 -26.52
C GLU A 385 -2.25 0.67 -25.57
N SER A 386 -1.02 1.07 -25.23
CA SER A 386 -0.81 2.27 -24.45
C SER A 386 0.34 3.11 -24.99
N PRO A 387 0.21 4.45 -24.95
CA PRO A 387 1.16 5.39 -25.57
C PRO A 387 2.60 4.98 -25.39
N SER A 388 2.95 4.49 -24.19
CA SER A 388 4.26 3.98 -23.88
C SER A 388 4.84 3.03 -24.95
N CYS A 389 3.98 2.22 -25.57
CA CYS A 389 4.42 1.16 -26.45
C CYS A 389 4.00 1.22 -27.94
N LYS A 390 3.66 2.41 -28.43
CA LYS A 390 3.22 2.56 -29.80
C LYS A 390 4.31 2.15 -30.78
N LYS A 391 5.53 2.58 -30.46
CA LYS A 391 6.68 2.38 -31.32
C LYS A 391 7.10 0.93 -31.57
N PHE A 392 6.90 0.06 -30.60
CA PHE A 392 7.31 -1.33 -30.72
C PHE A 392 6.41 -2.16 -31.64
N LYS A 393 5.53 -1.46 -32.36
CA LYS A 393 4.47 -2.10 -33.13
C LYS A 393 4.94 -3.27 -34.00
N HIS A 394 6.19 -3.19 -34.48
CA HIS A 394 6.73 -4.23 -35.37
C HIS A 394 7.04 -5.56 -34.64
N LEU A 395 7.01 -5.50 -33.32
CA LEU A 395 7.31 -6.67 -32.48
C LEU A 395 6.06 -7.48 -32.12
N PHE A 396 4.89 -7.01 -32.58
CA PHE A 396 3.63 -7.63 -32.25
C PHE A 396 2.97 -8.34 -33.45
N GLN A 397 3.69 -8.43 -34.55
CA GLN A 397 3.00 -8.75 -35.81
C GLN A 397 2.71 -10.25 -35.91
N GLN A 398 3.51 -11.04 -35.22
CA GLN A 398 3.33 -12.49 -35.34
C GLN A 398 2.08 -12.98 -34.62
N LEU A 399 1.56 -12.13 -33.74
CA LEU A 399 0.51 -12.49 -32.79
C LEU A 399 -0.66 -13.26 -33.38
N PRO A 400 -0.86 -14.51 -32.92
CA PRO A 400 -2.05 -15.27 -33.30
C PRO A 400 -3.31 -14.66 -32.64
N GLU A 401 -4.48 -14.96 -33.22
CA GLU A 401 -5.69 -14.34 -32.75
C GLU A 401 -6.42 -15.25 -31.81
N MET A 402 -5.70 -15.76 -30.81
CA MET A 402 -6.32 -16.58 -29.77
C MET A 402 -7.04 -15.71 -28.76
N ALA A 403 -8.37 -15.64 -28.87
CA ALA A 403 -9.19 -14.95 -27.86
C ALA A 403 -10.13 -15.91 -27.15
N VAL A 404 -10.43 -15.62 -25.89
CA VAL A 404 -11.32 -16.45 -25.06
C VAL A 404 -12.55 -15.63 -24.61
N GLN A 405 -13.73 -16.19 -24.82
CA GLN A 405 -15.00 -15.45 -24.66
C GLN A 405 -15.37 -14.98 -23.25
N ASP A 406 -16.08 -13.86 -23.15
CA ASP A 406 -16.46 -13.27 -21.85
C ASP A 406 -17.74 -13.89 -21.27
N VAL A 407 -17.69 -14.22 -19.99
CA VAL A 407 -18.77 -14.90 -19.30
C VAL A 407 -19.60 -13.89 -18.47
N LYS A 408 -20.79 -14.31 -18.04
CA LYS A 408 -21.70 -13.46 -17.27
C LYS A 408 -21.51 -13.59 -15.75
N HIS A 409 -21.63 -12.44 -15.09
CA HIS A 409 -21.44 -12.35 -13.64
C HIS A 409 -22.69 -11.81 -12.95
N VAL A 410 -23.10 -12.49 -11.89
CA VAL A 410 -24.17 -11.99 -11.02
C VAL A 410 -23.65 -11.85 -9.60
N THR A 411 -24.32 -11.06 -8.76
CA THR A 411 -23.86 -10.77 -7.42
C THR A 411 -25.01 -10.87 -6.43
N ILE A 412 -24.71 -11.17 -5.19
CA ILE A 412 -25.68 -11.13 -4.09
C ILE A 412 -24.98 -10.55 -2.89
N THR A 413 -25.75 -10.10 -1.89
CA THR A 413 -25.14 -9.65 -0.61
C THR A 413 -24.82 -10.85 0.28
N LEU A 441 -19.13 -14.19 7.35
CA LEU A 441 -18.77 -15.35 6.54
C LEU A 441 -19.92 -16.36 6.49
N CYS A 442 -20.05 -17.17 7.53
CA CYS A 442 -20.92 -18.35 7.50
C CYS A 442 -20.24 -19.26 6.45
N SER A 443 -20.91 -19.79 5.43
CA SER A 443 -20.12 -20.44 4.37
C SER A 443 -20.24 -19.64 3.10
N VAL A 444 -19.14 -19.09 2.61
CA VAL A 444 -19.21 -18.37 1.36
C VAL A 444 -19.71 -19.33 0.29
N GLU A 445 -19.13 -20.50 0.27
CA GLU A 445 -19.67 -21.55 -0.57
C GLU A 445 -21.02 -22.00 -0.06
N GLU A 446 -21.12 -22.12 1.26
CA GLU A 446 -22.39 -22.55 1.86
C GLU A 446 -23.48 -21.51 1.60
N LEU A 447 -23.12 -20.23 1.58
CA LEU A 447 -24.15 -19.22 1.35
C LEU A 447 -24.63 -19.32 -0.07
N ALA A 448 -23.70 -19.48 -1.01
CA ALA A 448 -24.05 -19.67 -2.43
C ALA A 448 -24.94 -20.90 -2.59
N LEU A 449 -24.58 -22.01 -1.97
CA LEU A 449 -25.38 -23.22 -2.09
C LEU A 449 -26.82 -23.00 -1.65
N ALA A 450 -26.98 -22.31 -0.53
CA ALA A 450 -28.31 -21.98 0.03
C ALA A 450 -29.11 -21.10 -0.91
N HIS A 451 -28.43 -20.19 -1.59
CA HIS A 451 -29.08 -19.29 -2.52
C HIS A 451 -29.56 -20.05 -3.76
N TYR A 452 -28.77 -20.99 -4.25
CA TYR A 452 -29.21 -21.69 -5.43
C TYR A 452 -30.34 -22.65 -5.07
N ARG A 453 -30.34 -23.17 -3.85
CA ARG A 453 -31.49 -23.94 -3.39
C ARG A 453 -32.76 -23.08 -3.35
N ARG A 454 -32.58 -21.81 -3.06
CA ARG A 454 -33.72 -20.88 -3.11
C ARG A 454 -34.08 -20.60 -4.55
N SER A 455 -33.13 -20.77 -5.47
CA SER A 455 -33.39 -20.41 -6.87
C SER A 455 -33.86 -21.65 -7.62
N GLY A 456 -34.19 -22.69 -6.88
CA GLY A 456 -34.73 -23.90 -7.45
C GLY A 456 -33.73 -25.02 -7.72
N PHE A 457 -32.48 -24.85 -7.29
CA PHE A 457 -31.52 -25.91 -7.50
C PHE A 457 -31.33 -26.68 -6.23
N ASP A 458 -32.15 -27.71 -6.05
CA ASP A 458 -32.26 -28.43 -4.80
C ASP A 458 -31.02 -29.29 -4.55
N GLN A 459 -30.36 -29.72 -5.61
CA GLN A 459 -29.05 -30.40 -5.48
C GLN A 459 -27.86 -29.48 -5.80
N GLY A 460 -26.70 -29.74 -5.19
CA GLY A 460 -25.55 -28.86 -5.39
C GLY A 460 -24.32 -29.47 -4.76
N ILE A 461 -23.17 -29.29 -5.40
CA ILE A 461 -21.91 -29.82 -4.89
C ILE A 461 -20.82 -28.72 -4.92
N HIS A 462 -20.21 -28.46 -3.75
CA HIS A 462 -19.06 -27.57 -3.70
C HIS A 462 -17.84 -28.43 -4.05
N GLY A 463 -17.78 -28.91 -5.28
CA GLY A 463 -16.77 -29.88 -5.65
C GLY A 463 -15.51 -29.37 -6.30
N GLU A 464 -15.44 -28.10 -6.66
CA GLU A 464 -14.26 -27.58 -7.35
C GLU A 464 -13.93 -28.38 -8.59
N GLY A 465 -12.68 -28.81 -8.75
CA GLY A 465 -12.31 -29.66 -9.83
C GLY A 465 -12.57 -31.13 -9.54
N SER A 466 -12.62 -31.48 -8.26
CA SER A 466 -12.82 -32.88 -7.89
C SER A 466 -14.19 -33.38 -8.38
N THR A 467 -15.21 -32.51 -8.44
CA THR A 467 -16.51 -32.94 -8.94
C THR A 467 -16.39 -33.55 -10.34
N PHE A 468 -15.85 -32.79 -11.28
CA PHE A 468 -15.73 -33.27 -12.65
C PHE A 468 -14.70 -34.36 -12.76
N SER A 469 -13.60 -34.25 -12.02
CA SER A 469 -12.54 -35.21 -12.10
C SER A 469 -13.07 -36.54 -11.58
N THR A 470 -13.97 -36.47 -10.62
CA THR A 470 -14.59 -37.71 -10.12
C THR A 470 -15.50 -38.30 -11.22
N LEU A 471 -16.27 -37.46 -11.91
CA LEU A 471 -17.11 -37.95 -12.99
C LEU A 471 -16.25 -38.55 -14.10
N TYR A 472 -15.20 -37.82 -14.46
CA TYR A 472 -14.22 -38.29 -15.45
C TYR A 472 -13.76 -39.67 -15.05
N GLY A 473 -13.33 -39.79 -13.80
CA GLY A 473 -12.88 -41.06 -13.27
C GLY A 473 -13.90 -42.20 -13.39
N LEU A 474 -15.15 -41.90 -13.07
CA LEU A 474 -16.21 -42.90 -13.10
C LEU A 474 -16.62 -43.31 -14.51
N LEU A 475 -16.45 -42.43 -15.48
CA LEU A 475 -16.83 -42.73 -16.85
C LEU A 475 -15.68 -43.35 -17.64
N LEU A 476 -14.45 -43.13 -17.19
CA LEU A 476 -13.32 -43.56 -18.04
C LEU A 476 -12.32 -44.44 -17.34
N TRP A 477 -12.73 -45.00 -16.22
CA TRP A 477 -11.82 -45.67 -15.27
C TRP A 477 -10.98 -46.73 -15.96
N ASP A 478 -11.65 -47.62 -16.69
CA ASP A 478 -11.02 -48.81 -17.26
C ASP A 478 -10.01 -48.44 -18.35
N ILE A 479 -10.21 -47.26 -18.93
CA ILE A 479 -9.26 -46.78 -19.93
C ILE A 479 -8.09 -46.06 -19.27
N ILE A 480 -8.39 -45.19 -18.31
CA ILE A 480 -7.34 -44.54 -17.51
C ILE A 480 -6.38 -45.59 -16.97
N PHE A 481 -6.90 -46.75 -16.60
CA PHE A 481 -6.07 -47.77 -15.99
C PHE A 481 -5.80 -48.99 -16.88
N MET A 482 -6.06 -48.87 -18.17
CA MET A 482 -5.91 -50.03 -19.06
C MET A 482 -4.47 -50.52 -19.24
N ASP A 483 -4.34 -51.82 -19.48
CA ASP A 483 -3.04 -52.48 -19.52
C ASP A 483 -2.39 -52.35 -20.88
N GLY A 484 -1.07 -52.58 -20.91
CA GLY A 484 -0.33 -52.54 -22.14
C GLY A 484 0.50 -51.27 -22.38
N ILE A 485 0.50 -50.40 -21.39
CA ILE A 485 1.14 -49.10 -21.55
C ILE A 485 2.39 -49.04 -20.65
N PRO A 486 3.57 -49.10 -21.28
CA PRO A 486 4.79 -49.31 -20.53
C PRO A 486 5.11 -48.16 -19.58
N ASP A 487 5.53 -48.50 -18.35
CA ASP A 487 6.06 -47.58 -17.36
C ASP A 487 5.05 -46.75 -16.56
N VAL A 488 3.76 -46.84 -16.86
CA VAL A 488 2.79 -46.00 -16.15
C VAL A 488 2.37 -46.70 -14.86
N PHE A 489 2.53 -48.00 -14.83
CA PHE A 489 2.19 -48.74 -13.63
C PHE A 489 3.41 -49.53 -13.17
N ARG A 490 4.01 -49.15 -12.04
CA ARG A 490 5.32 -49.72 -11.69
C ARG A 490 5.29 -50.54 -10.43
N ASN A 491 4.30 -50.31 -9.58
CA ASN A 491 4.07 -51.15 -8.43
C ASN A 491 2.55 -51.23 -8.15
N ALA A 492 2.13 -52.08 -7.21
CA ALA A 492 0.72 -52.31 -7.01
C ALA A 492 0.02 -51.28 -6.10
N CYS A 493 0.76 -50.25 -5.71
CA CYS A 493 0.22 -49.27 -4.76
C CYS A 493 0.18 -47.85 -5.32
N GLN A 494 -0.21 -47.69 -6.57
CA GLN A 494 -0.34 -46.35 -7.13
C GLN A 494 -1.77 -45.89 -7.14
N ALA A 495 -1.95 -44.59 -6.95
CA ALA A 495 -3.27 -43.96 -6.98
C ALA A 495 -3.55 -43.38 -8.40
N PHE A 496 -2.59 -43.47 -9.31
CA PHE A 496 -2.81 -42.90 -10.63
C PHE A 496 -1.72 -43.29 -11.60
N PRO A 497 -2.02 -43.31 -12.91
CA PRO A 497 -0.99 -43.77 -13.85
C PRO A 497 0.14 -42.74 -13.89
N LEU A 498 1.40 -43.16 -14.02
CA LEU A 498 2.49 -42.21 -13.81
C LEU A 498 2.55 -41.12 -14.88
N ASP A 499 1.86 -41.33 -15.98
CA ASP A 499 1.96 -40.42 -17.12
C ASP A 499 0.79 -39.47 -17.11
N LEU A 500 0.01 -39.50 -16.03
CA LEU A 500 -1.23 -38.76 -15.94
C LEU A 500 -1.04 -37.28 -16.28
N CYS A 501 0.00 -36.68 -15.70
CA CYS A 501 0.31 -35.27 -15.76
C CYS A 501 1.23 -34.97 -16.93
N THR A 502 1.15 -35.75 -17.98
CA THR A 502 2.08 -35.58 -19.05
C THR A 502 1.37 -35.65 -20.40
N ASP A 503 1.99 -35.05 -21.40
CA ASP A 503 1.51 -35.00 -22.78
C ASP A 503 1.18 -36.45 -23.23
N SER A 504 2.03 -37.36 -22.80
CA SER A 504 1.95 -38.70 -23.37
C SER A 504 0.80 -39.52 -22.75
N PHE A 505 0.08 -38.98 -21.76
CA PHE A 505 -1.12 -39.63 -21.27
C PHE A 505 -2.11 -39.86 -22.39
N PHE A 506 -2.37 -38.78 -23.13
CA PHE A 506 -3.35 -38.78 -24.21
C PHE A 506 -2.86 -39.59 -25.40
N THR A 507 -1.62 -39.33 -25.80
CA THR A 507 -1.08 -39.97 -26.99
C THR A 507 -0.94 -41.48 -26.77
N SER A 508 -0.75 -41.89 -25.52
CA SER A 508 -0.62 -43.31 -25.24
C SER A 508 -1.97 -44.02 -25.14
N ARG A 509 -3.08 -43.27 -25.06
CA ARG A 509 -4.38 -43.93 -24.97
C ARG A 509 -5.36 -43.39 -26.01
N ARG A 510 -4.79 -42.80 -27.06
CA ARG A 510 -5.56 -42.06 -28.04
C ARG A 510 -6.72 -42.87 -28.71
N PRO A 511 -6.40 -44.07 -29.26
CA PRO A 511 -7.47 -44.78 -29.91
C PRO A 511 -8.64 -45.14 -28.97
N ALA A 512 -8.32 -45.56 -27.75
CA ALA A 512 -9.35 -45.94 -26.80
C ALA A 512 -10.14 -44.70 -26.35
N LEU A 513 -9.41 -43.60 -26.20
CA LEU A 513 -10.02 -42.34 -25.78
C LEU A 513 -10.92 -41.81 -26.88
N GLU A 514 -10.42 -41.79 -28.12
CA GLU A 514 -11.22 -41.28 -29.19
C GLU A 514 -12.54 -42.06 -29.29
N ALA A 515 -12.47 -43.38 -29.17
CA ALA A 515 -13.67 -44.20 -29.26
C ALA A 515 -14.60 -44.02 -28.08
N ARG A 516 -14.04 -43.70 -26.92
CA ARG A 516 -14.89 -43.58 -25.73
C ARG A 516 -15.61 -42.20 -25.66
N LEU A 517 -14.92 -41.15 -26.13
CA LEU A 517 -15.45 -39.78 -26.14
C LEU A 517 -16.61 -39.56 -27.15
N GLN A 518 -16.47 -40.17 -28.32
CA GLN A 518 -17.57 -40.29 -29.32
C GLN A 518 -18.74 -41.06 -28.74
N LEU A 519 -18.46 -42.15 -28.02
CA LEU A 519 -19.51 -42.96 -27.42
C LEU A 519 -20.29 -42.21 -26.32
N ILE A 520 -19.60 -41.28 -25.69
CA ILE A 520 -20.21 -40.49 -24.61
C ILE A 520 -20.96 -39.33 -25.16
N HIS A 521 -20.37 -38.61 -26.10
CA HIS A 521 -21.04 -37.56 -26.87
C HIS A 521 -22.45 -37.93 -27.33
N ASP A 522 -22.65 -39.15 -27.81
CA ASP A 522 -24.00 -39.53 -28.29
C ASP A 522 -24.78 -40.38 -27.30
N ALA A 523 -24.25 -40.52 -26.11
CA ALA A 523 -24.88 -41.46 -25.19
C ALA A 523 -26.16 -40.88 -24.64
N PRO A 524 -27.26 -41.67 -24.64
CA PRO A 524 -28.47 -41.19 -23.97
C PRO A 524 -28.34 -41.30 -22.47
N GLU A 525 -29.12 -40.52 -21.74
CA GLU A 525 -29.14 -40.51 -20.28
C GLU A 525 -28.94 -41.87 -19.63
N GLU A 526 -29.67 -42.86 -20.14
CA GLU A 526 -29.67 -44.18 -19.54
C GLU A 526 -28.31 -44.88 -19.66
N SER A 527 -27.62 -44.66 -20.77
CA SER A 527 -26.27 -45.14 -20.89
C SER A 527 -25.36 -44.52 -19.83
N LEU A 528 -25.42 -43.20 -19.71
CA LEU A 528 -24.57 -42.47 -18.77
C LEU A 528 -24.77 -42.96 -17.35
N ARG A 529 -26.02 -43.04 -16.93
CA ARG A 529 -26.35 -43.49 -15.58
C ARG A 529 -25.81 -44.88 -15.34
N ALA A 530 -25.97 -45.76 -16.32
CA ALA A 530 -25.59 -47.19 -16.22
C ALA A 530 -24.07 -47.42 -16.13
N TRP A 531 -23.33 -46.74 -17.03
CA TRP A 531 -21.88 -46.80 -16.97
C TRP A 531 -21.32 -46.30 -15.64
N VAL A 532 -21.86 -45.20 -15.12
CA VAL A 532 -21.40 -44.64 -13.86
C VAL A 532 -21.61 -45.68 -12.74
N ALA A 533 -22.79 -46.28 -12.74
CA ALA A 533 -23.18 -47.25 -11.72
C ALA A 533 -22.26 -48.47 -11.74
N ALA A 534 -21.93 -48.89 -12.96
CA ALA A 534 -21.07 -50.03 -13.17
C ALA A 534 -19.72 -49.81 -12.47
N THR A 535 -19.02 -48.77 -12.90
CA THR A 535 -17.73 -48.41 -12.29
C THR A 535 -17.88 -48.20 -10.79
N TRP A 536 -18.88 -47.43 -10.38
CA TRP A 536 -19.08 -47.19 -8.96
C TRP A 536 -19.18 -48.53 -8.19
N HIS A 537 -20.05 -49.40 -8.65
CA HIS A 537 -20.23 -50.65 -7.99
C HIS A 537 -19.09 -51.59 -8.03
N GLU A 538 -18.32 -51.59 -9.09
CA GLU A 538 -17.19 -52.52 -9.18
C GLU A 538 -15.89 -51.99 -8.50
N GLN A 539 -15.78 -50.69 -8.27
CA GLN A 539 -14.58 -50.05 -7.81
C GLN A 539 -14.72 -49.22 -6.54
N GLU A 540 -15.93 -49.06 -5.99
CA GLU A 540 -16.13 -48.17 -4.86
C GLU A 540 -15.12 -48.44 -3.75
N GLY A 541 -14.45 -47.38 -3.28
CA GLY A 541 -13.44 -47.52 -2.25
C GLY A 541 -12.01 -47.57 -2.73
N ARG A 542 -11.79 -48.01 -3.97
CA ARG A 542 -10.46 -48.07 -4.56
C ARG A 542 -9.87 -46.67 -4.56
N VAL A 543 -8.60 -46.53 -4.20
CA VAL A 543 -7.99 -45.21 -4.10
C VAL A 543 -7.44 -44.77 -5.44
N ALA A 544 -8.11 -43.76 -6.01
CA ALA A 544 -7.66 -43.13 -7.21
C ALA A 544 -7.64 -41.68 -6.86
N SER A 545 -6.54 -41.02 -7.17
CA SER A 545 -6.37 -39.59 -6.86
C SER A 545 -7.42 -38.72 -7.54
N LEU A 546 -7.90 -39.15 -8.70
CA LEU A 546 -8.93 -38.45 -9.45
C LEU A 546 -10.29 -38.49 -8.80
N VAL A 547 -10.56 -39.57 -8.07
CA VAL A 547 -11.90 -39.89 -7.62
C VAL A 547 -12.07 -39.57 -6.14
N SER A 548 -13.11 -38.79 -5.85
CA SER A 548 -13.55 -38.60 -4.46
C SER A 548 -14.77 -39.46 -4.17
N TRP A 549 -14.61 -40.53 -3.40
CA TRP A 549 -15.71 -41.43 -3.19
C TRP A 549 -16.83 -40.82 -2.37
N ASP A 550 -16.57 -39.61 -1.86
CA ASP A 550 -17.48 -38.93 -0.96
C ASP A 550 -18.00 -37.62 -1.58
N ARG A 551 -17.51 -37.31 -2.76
CA ARG A 551 -17.96 -36.14 -3.50
C ARG A 551 -19.48 -36.21 -3.75
N PHE A 552 -19.98 -37.37 -4.16
CA PHE A 552 -21.42 -37.55 -4.32
C PHE A 552 -22.02 -38.15 -3.08
N THR A 553 -23.26 -37.80 -2.74
CA THR A 553 -23.88 -38.34 -1.54
C THR A 553 -24.29 -39.81 -1.73
N SER A 554 -24.27 -40.27 -2.98
CA SER A 554 -24.77 -41.60 -3.36
C SER A 554 -24.60 -41.82 -4.86
N LEU A 555 -24.66 -43.07 -5.30
CA LEU A 555 -24.58 -43.39 -6.71
C LEU A 555 -25.67 -42.66 -7.50
N GLN A 556 -26.82 -42.56 -6.87
CA GLN A 556 -28.02 -42.00 -7.46
C GLN A 556 -27.80 -40.52 -7.79
N GLN A 557 -27.19 -39.79 -6.86
CA GLN A 557 -26.88 -38.39 -7.09
C GLN A 557 -25.97 -38.27 -8.30
N ALA A 558 -24.97 -39.13 -8.38
CA ALA A 558 -24.07 -39.09 -9.53
C ALA A 558 -24.81 -39.42 -10.83
N GLN A 559 -25.73 -40.38 -10.76
CA GLN A 559 -26.53 -40.72 -11.93
C GLN A 559 -27.42 -39.55 -12.30
N ASP A 560 -28.05 -38.93 -11.30
CA ASP A 560 -28.87 -37.76 -11.60
C ASP A 560 -28.05 -36.63 -12.24
N LEU A 561 -26.81 -36.46 -11.82
CA LEU A 561 -26.00 -35.39 -12.39
C LEU A 561 -25.63 -35.70 -13.83
N VAL A 562 -25.20 -36.92 -14.10
CA VAL A 562 -24.83 -37.22 -15.47
C VAL A 562 -26.08 -37.09 -16.38
N SER A 563 -27.26 -37.39 -15.85
CA SER A 563 -28.49 -37.20 -16.65
C SER A 563 -28.73 -35.74 -17.01
N CYS A 564 -28.45 -34.82 -16.08
CA CYS A 564 -28.65 -33.39 -16.34
C CYS A 564 -27.59 -32.85 -17.28
N LEU A 565 -26.34 -33.29 -17.12
CA LEU A 565 -25.28 -32.76 -17.95
C LEU A 565 -25.44 -33.22 -19.38
N GLY A 566 -25.82 -34.48 -19.56
CA GLY A 566 -25.96 -35.03 -20.89
C GLY A 566 -24.64 -35.34 -21.57
N GLY A 567 -24.72 -36.11 -22.64
CA GLY A 567 -23.55 -36.62 -23.33
C GLY A 567 -22.57 -35.64 -23.96
N PRO A 568 -23.08 -34.59 -24.62
CA PRO A 568 -22.19 -33.63 -25.28
C PRO A 568 -21.29 -32.86 -24.32
N VAL A 569 -21.87 -32.36 -23.22
CA VAL A 569 -21.12 -31.71 -22.17
C VAL A 569 -20.07 -32.65 -21.55
N LEU A 570 -20.53 -33.81 -21.10
CA LEU A 570 -19.65 -34.80 -20.50
C LEU A 570 -18.48 -35.15 -21.42
N SER A 571 -18.79 -35.35 -22.68
CA SER A 571 -17.79 -35.65 -23.69
C SER A 571 -16.77 -34.53 -23.75
N GLY A 572 -17.27 -33.30 -23.72
CA GLY A 572 -16.38 -32.15 -23.81
C GLY A 572 -15.44 -32.08 -22.66
N VAL A 573 -15.96 -32.35 -21.46
CA VAL A 573 -15.19 -32.27 -20.23
C VAL A 573 -14.12 -33.37 -20.21
N CYS A 574 -14.56 -34.59 -20.50
CA CYS A 574 -13.64 -35.72 -20.52
C CYS A 574 -12.51 -35.50 -21.54
N ARG A 575 -12.83 -34.84 -22.66
CA ARG A 575 -11.80 -34.62 -23.65
C ARG A 575 -10.71 -33.67 -23.14
N HIS A 576 -11.13 -32.58 -22.51
CA HIS A 576 -10.22 -31.62 -21.94
C HIS A 576 -9.33 -32.24 -20.87
N LEU A 577 -9.93 -33.01 -19.96
CA LEU A 577 -9.19 -33.68 -18.90
C LEU A 577 -8.18 -34.72 -19.43
N ALA A 578 -8.58 -35.48 -20.44
CA ALA A 578 -7.68 -36.43 -21.08
C ALA A 578 -6.53 -35.72 -21.81
N ALA A 579 -6.87 -34.61 -22.46
CA ALA A 579 -5.95 -33.94 -23.37
C ALA A 579 -4.95 -33.11 -22.63
N ASP A 580 -5.39 -32.57 -21.49
CA ASP A 580 -4.60 -31.61 -20.72
C ASP A 580 -5.04 -31.63 -19.24
N PHE A 581 -4.81 -32.75 -18.54
CA PHE A 581 -5.47 -33.02 -17.29
C PHE A 581 -5.11 -32.03 -16.21
N ARG A 582 -3.81 -31.75 -16.08
CA ARG A 582 -3.38 -30.86 -15.05
C ARG A 582 -4.09 -29.53 -15.13
N HIS A 583 -4.12 -28.95 -16.33
CA HIS A 583 -4.72 -27.66 -16.54
C HIS A 583 -6.24 -27.69 -16.48
N CYS A 584 -6.84 -28.74 -17.00
CA CYS A 584 -8.28 -28.89 -16.94
C CYS A 584 -8.78 -28.97 -15.50
N ARG A 585 -8.07 -29.73 -14.66
CA ARG A 585 -8.56 -30.03 -13.33
C ARG A 585 -8.77 -28.78 -12.51
N GLY A 586 -7.81 -27.84 -12.63
CA GLY A 586 -7.77 -26.64 -11.79
C GLY A 586 -8.77 -25.52 -12.11
N GLY A 587 -9.26 -25.44 -13.34
CA GLY A 587 -10.05 -24.30 -13.72
C GLY A 587 -11.54 -24.47 -13.61
N LEU A 588 -11.99 -25.65 -13.16
CA LEU A 588 -13.41 -25.96 -13.11
C LEU A 588 -14.17 -25.24 -12.00
N PRO A 589 -15.43 -24.83 -12.30
CA PRO A 589 -16.21 -23.97 -11.38
C PRO A 589 -16.33 -24.54 -9.98
N ALA A 590 -16.27 -23.63 -9.01
CA ALA A 590 -16.40 -24.03 -7.57
C ALA A 590 -17.63 -24.90 -7.33
N LEU A 591 -18.74 -24.52 -7.98
CA LEU A 591 -20.01 -25.17 -7.73
C LEU A 591 -20.67 -25.81 -8.92
N VAL A 592 -21.32 -26.93 -8.69
CA VAL A 592 -22.33 -27.41 -9.65
C VAL A 592 -23.65 -27.55 -8.92
N VAL A 593 -24.67 -26.87 -9.41
CA VAL A 593 -26.01 -26.97 -8.82
C VAL A 593 -27.05 -27.43 -9.83
N TRP A 594 -27.98 -28.27 -9.37
CA TRP A 594 -29.05 -28.68 -10.28
C TRP A 594 -30.39 -28.99 -9.63
N ASN A 595 -31.41 -28.80 -10.46
CA ASN A 595 -32.81 -29.10 -10.21
C ASN A 595 -33.05 -30.56 -10.60
N SER A 596 -33.32 -31.45 -9.64
CA SER A 596 -33.35 -32.86 -9.97
C SER A 596 -34.59 -33.28 -10.80
N GLN A 597 -35.60 -32.43 -10.85
CA GLN A 597 -36.79 -32.73 -11.63
C GLN A 597 -36.63 -32.28 -13.08
N SER A 598 -36.38 -30.99 -13.27
CA SER A 598 -36.27 -30.45 -14.62
C SER A 598 -34.90 -30.69 -15.24
N ARG A 599 -33.93 -31.08 -14.43
CA ARG A 599 -32.56 -31.34 -14.88
C ARG A 599 -31.85 -30.08 -15.40
N HIS A 600 -32.40 -28.92 -15.04
CA HIS A 600 -31.66 -27.67 -15.20
C HIS A 600 -30.44 -27.65 -14.27
N PHE A 601 -29.26 -27.38 -14.83
CA PHE A 601 -28.07 -27.16 -14.02
C PHE A 601 -27.43 -25.82 -14.36
N LYS A 602 -26.63 -25.34 -13.40
CA LYS A 602 -25.76 -24.17 -13.56
C LYS A 602 -24.38 -24.49 -13.00
N LEU A 603 -23.33 -24.10 -13.70
CA LEU A 603 -21.98 -24.25 -13.13
C LEU A 603 -21.55 -22.90 -12.62
N VAL A 604 -21.28 -22.80 -11.33
CA VAL A 604 -21.03 -21.49 -10.74
C VAL A 604 -19.64 -21.39 -10.15
N GLU A 605 -18.94 -20.33 -10.54
CA GLU A 605 -17.72 -19.93 -9.82
C GLU A 605 -18.08 -18.83 -8.78
N VAL A 606 -17.61 -19.00 -7.57
CA VAL A 606 -17.99 -18.12 -6.48
C VAL A 606 -16.83 -17.18 -6.09
N LYS A 607 -17.10 -15.89 -5.96
CA LYS A 607 -16.07 -14.95 -5.51
C LYS A 607 -16.56 -14.02 -4.43
N GLY A 608 -16.06 -14.15 -3.21
CA GLY A 608 -16.29 -13.17 -2.16
C GLY A 608 -15.41 -11.93 -2.31
N PRO A 609 -15.41 -11.04 -1.31
CA PRO A 609 -14.44 -9.94 -1.19
C PRO A 609 -13.03 -10.45 -1.33
N ASN A 610 -12.20 -9.74 -2.09
CA ASN A 610 -10.80 -10.13 -2.30
C ASN A 610 -10.63 -11.45 -3.05
N ASP A 611 -11.66 -11.83 -3.80
CA ASP A 611 -11.62 -13.08 -4.53
C ASP A 611 -11.79 -12.78 -5.99
N ARG A 612 -10.81 -13.16 -6.82
CA ARG A 612 -10.92 -12.83 -8.23
C ARG A 612 -10.67 -13.99 -9.16
N LEU A 613 -11.42 -14.04 -10.26
CA LEU A 613 -11.24 -15.09 -11.25
C LEU A 613 -9.80 -15.20 -11.69
N SER A 614 -9.29 -16.43 -11.68
CA SER A 614 -7.94 -16.67 -12.19
C SER A 614 -8.05 -16.86 -13.69
N HIS A 615 -6.91 -16.87 -14.39
CA HIS A 615 -6.90 -17.07 -15.83
C HIS A 615 -7.52 -18.44 -16.24
N LYS A 616 -7.10 -19.47 -15.51
CA LYS A 616 -7.60 -20.84 -15.77
C LYS A 616 -9.11 -20.90 -15.63
N GLN A 617 -9.65 -20.28 -14.59
CA GLN A 617 -11.07 -20.28 -14.37
C GLN A 617 -11.79 -19.53 -15.50
N MET A 618 -11.21 -18.43 -15.97
CA MET A 618 -11.83 -17.72 -17.08
C MET A 618 -11.81 -18.54 -18.35
N ILE A 619 -10.73 -19.27 -18.61
CA ILE A 619 -10.66 -20.13 -19.80
C ILE A 619 -11.70 -21.24 -19.76
N TRP A 620 -11.95 -21.79 -18.59
CA TRP A 620 -12.90 -22.93 -18.46
C TRP A 620 -14.37 -22.58 -18.36
N LEU A 621 -14.70 -21.40 -17.83
CA LEU A 621 -16.06 -20.95 -17.88
C LEU A 621 -16.49 -20.75 -19.36
N ALA A 622 -15.61 -20.14 -20.15
CA ALA A 622 -15.83 -19.98 -21.57
C ALA A 622 -15.99 -21.35 -22.26
N GLU A 623 -15.06 -22.26 -22.01
CA GLU A 623 -15.14 -23.58 -22.64
C GLU A 623 -16.46 -24.27 -22.31
N LEU A 624 -16.88 -24.22 -21.05
CA LEU A 624 -18.13 -24.86 -20.66
C LEU A 624 -19.27 -24.16 -21.33
N GLN A 625 -19.20 -22.84 -21.41
CA GLN A 625 -20.24 -22.09 -22.10
C GLN A 625 -20.34 -22.52 -23.56
N LYS A 626 -19.20 -22.79 -24.19
CA LYS A 626 -19.16 -23.25 -25.57
C LYS A 626 -19.83 -24.62 -25.72
N LEU A 627 -19.77 -25.46 -24.69
CA LEU A 627 -20.45 -26.73 -24.77
C LEU A 627 -21.93 -26.56 -24.46
N GLY A 628 -22.37 -25.32 -24.29
CA GLY A 628 -23.78 -25.03 -24.06
C GLY A 628 -24.25 -25.14 -22.62
N ALA A 629 -23.34 -25.43 -21.70
CA ALA A 629 -23.69 -25.45 -20.28
C ALA A 629 -23.93 -24.04 -19.79
N GLU A 630 -24.89 -23.84 -18.86
CA GLU A 630 -25.06 -22.48 -18.42
C GLU A 630 -24.09 -22.20 -17.25
N VAL A 631 -23.32 -21.14 -17.39
CA VAL A 631 -22.29 -20.82 -16.42
C VAL A 631 -22.53 -19.44 -15.85
N GLU A 632 -22.09 -19.25 -14.61
CA GLU A 632 -22.20 -17.98 -13.95
C GLU A 632 -21.00 -17.75 -13.01
N VAL A 633 -20.67 -16.46 -12.82
CA VAL A 633 -19.80 -16.03 -11.71
C VAL A 633 -20.66 -15.34 -10.64
N CYS A 634 -20.67 -15.92 -9.44
CA CYS A 634 -21.46 -15.35 -8.35
C CYS A 634 -20.57 -14.59 -7.35
N HIS A 635 -20.71 -13.28 -7.28
CA HIS A 635 -19.99 -12.49 -6.26
C HIS A 635 -20.82 -12.29 -5.00
N VAL A 636 -20.21 -12.61 -3.87
CA VAL A 636 -20.83 -12.31 -2.61
C VAL A 636 -20.24 -10.96 -2.12
N VAL A 637 -21.13 -10.02 -1.83
CA VAL A 637 -20.72 -8.73 -1.31
C VAL A 637 -20.94 -8.68 0.22
N ALA A 638 -20.11 -7.89 0.89
CA ALA A 638 -20.10 -7.86 2.34
C ALA A 638 -21.44 -7.45 2.91
N VAL A 639 -21.83 -8.08 4.02
CA VAL A 639 -23.01 -7.66 4.79
C VAL A 639 -22.60 -6.92 6.08
N GLU B 1 18.07 5.11 11.86
CA GLU B 1 17.55 4.23 12.98
C GLU B 1 16.29 4.87 13.63
N PHE B 2 16.38 6.16 13.91
CA PHE B 2 15.28 6.88 14.45
C PHE B 2 14.92 8.08 13.57
N PRO B 3 14.17 7.84 12.49
CA PRO B 3 14.04 8.83 11.42
C PRO B 3 13.24 10.07 11.76
N TYR B 4 13.47 11.14 11.01
CA TYR B 4 12.96 12.47 11.34
C TYR B 4 11.44 12.50 11.46
N TYR B 5 10.74 11.91 10.51
CA TYR B 5 9.28 12.00 10.41
C TYR B 5 8.64 11.39 11.65
N LEU B 6 9.25 10.32 12.15
CA LEU B 6 8.74 9.68 13.34
C LEU B 6 9.05 10.53 14.56
N ARG B 7 10.29 11.01 14.63
CA ARG B 7 10.70 11.89 15.72
C ARG B 7 9.75 13.08 15.87
N SER B 8 9.62 13.87 14.80
CA SER B 8 8.69 14.98 14.77
C SER B 8 7.25 14.57 15.19
N PHE B 9 6.75 13.45 14.65
CA PHE B 9 5.42 12.93 15.01
C PHE B 9 5.35 12.60 16.51
N LEU B 10 6.42 12.04 17.04
CA LEU B 10 6.45 11.73 18.47
C LEU B 10 6.43 13.00 19.33
N VAL B 11 7.07 14.06 18.87
CA VAL B 11 7.09 15.31 19.66
C VAL B 11 5.67 15.88 19.82
N VAL B 12 4.99 15.96 18.68
CA VAL B 12 3.63 16.45 18.63
C VAL B 12 2.71 15.67 19.55
N LEU B 13 2.75 14.35 19.49
CA LEU B 13 1.89 13.55 20.37
C LEU B 13 2.17 13.85 21.85
N LYS B 14 3.44 13.97 22.19
CA LYS B 14 3.84 14.17 23.57
C LYS B 14 3.24 15.49 24.07
N THR B 15 3.51 16.56 23.33
CA THR B 15 3.00 17.88 23.68
C THR B 15 1.48 17.85 23.93
N VAL B 16 0.70 17.45 22.93
CA VAL B 16 -0.75 17.46 23.06
C VAL B 16 -1.24 16.56 24.19
N LEU B 17 -0.73 15.34 24.26
CA LEU B 17 -1.11 14.40 25.32
C LEU B 17 -0.84 14.99 26.70
N GLU B 18 0.20 15.83 26.80
CA GLU B 18 0.60 16.44 28.08
C GLU B 18 -0.47 17.38 28.64
N ASN B 19 -1.23 17.98 27.76
CA ASN B 19 -2.14 19.04 28.15
C ASN B 19 -3.56 18.51 28.38
N GLU B 20 -4.04 18.65 29.62
CA GLU B 20 -5.31 18.06 30.00
C GLU B 20 -6.52 18.74 29.35
N ASP B 21 -6.45 20.04 29.08
CA ASP B 21 -7.62 20.71 28.50
C ASP B 21 -7.81 20.30 27.05
N ASP B 22 -6.69 20.07 26.36
CA ASP B 22 -6.75 19.56 24.99
C ASP B 22 -7.33 18.16 24.96
N MET B 23 -6.97 17.36 25.96
CA MET B 23 -7.52 16.02 26.06
C MET B 23 -9.02 15.97 26.30
N LEU B 24 -9.59 17.08 26.76
CA LEU B 24 -11.02 17.16 27.00
C LEU B 24 -11.82 17.31 25.70
N LEU B 25 -11.10 17.42 24.61
CA LEU B 25 -11.71 17.60 23.31
C LEU B 25 -11.77 16.25 22.59
N PHE B 26 -11.44 15.19 23.32
CA PHE B 26 -11.60 13.84 22.82
C PHE B 26 -12.42 13.02 23.79
N ASP B 27 -13.34 12.18 23.29
CA ASP B 27 -14.05 11.23 24.16
C ASP B 27 -13.24 9.95 24.36
N GLU B 28 -13.80 9.03 25.15
CA GLU B 28 -13.01 7.89 25.66
C GLU B 28 -12.54 6.91 24.59
N GLN B 29 -13.42 6.66 23.61
CA GLN B 29 -13.02 5.70 22.55
C GLN B 29 -11.89 6.32 21.70
N GLU B 30 -11.97 7.65 21.56
CA GLU B 30 -10.97 8.36 20.77
C GLU B 30 -9.63 8.38 21.51
N LYS B 31 -9.64 8.70 22.80
CA LYS B 31 -8.45 8.62 23.62
C LYS B 31 -7.85 7.22 23.55
N GLY B 32 -8.72 6.21 23.62
CA GLY B 32 -8.32 4.80 23.51
C GLY B 32 -7.60 4.48 22.22
N ILE B 33 -7.95 5.21 21.17
CA ILE B 33 -7.29 4.97 19.90
C ILE B 33 -5.85 5.44 19.95
N VAL B 34 -5.60 6.54 20.63
CA VAL B 34 -4.24 7.04 20.75
C VAL B 34 -3.43 6.05 21.57
N THR B 35 -4.03 5.57 22.64
CA THR B 35 -3.40 4.51 23.42
C THR B 35 -3.05 3.32 22.55
N LYS B 36 -3.99 2.89 21.71
CA LYS B 36 -3.75 1.71 20.85
C LYS B 36 -2.59 1.98 19.89
N PHE B 37 -2.49 3.20 19.43
CA PHE B 37 -1.38 3.57 18.53
C PHE B 37 -0.08 3.39 19.28
N TYR B 38 -0.05 3.87 20.51
CA TYR B 38 1.12 3.74 21.38
C TYR B 38 1.47 2.26 21.61
N GLN B 39 0.46 1.39 21.63
CA GLN B 39 0.71 -0.03 21.80
C GLN B 39 1.27 -0.75 20.55
N LEU B 40 1.34 -0.04 19.45
CA LEU B 40 1.79 -0.67 18.21
C LEU B 40 3.28 -0.86 18.24
N SER B 41 3.76 -1.91 17.59
CA SER B 41 5.18 -2.07 17.39
C SER B 41 5.81 -0.84 16.77
N ALA B 42 7.15 -0.73 16.80
CA ALA B 42 7.80 0.42 16.17
C ALA B 42 7.68 0.38 14.65
N THR B 43 7.76 -0.82 14.08
CA THR B 43 7.57 -0.98 12.67
C THR B 43 6.15 -0.53 12.30
N GLY B 44 5.18 -0.85 13.17
CA GLY B 44 3.82 -0.41 13.00
C GLY B 44 3.63 1.09 13.06
N GLN B 45 4.35 1.75 13.95
CA GLN B 45 4.19 3.17 14.12
C GLN B 45 4.75 3.88 12.89
N LYS B 46 5.85 3.35 12.35
CA LYS B 46 6.51 3.94 11.19
C LYS B 46 5.62 3.90 9.94
N LEU B 47 5.09 2.72 9.63
CA LEU B 47 4.16 2.56 8.50
C LEU B 47 2.93 3.45 8.63
N TYR B 48 2.33 3.47 9.82
CA TYR B 48 1.14 4.30 9.97
C TYR B 48 1.47 5.73 9.63
N VAL B 49 2.52 6.29 10.23
CA VAL B 49 2.86 7.70 9.92
C VAL B 49 3.20 7.89 8.43
N ARG B 50 3.94 6.95 7.81
CA ARG B 50 4.22 7.12 6.38
C ARG B 50 2.92 7.11 5.54
N LEU B 51 1.89 6.44 6.04
CA LEU B 51 0.64 6.38 5.31
C LEU B 51 -0.24 7.54 5.72
N PHE B 52 -0.12 7.99 6.95
CA PHE B 52 -0.93 9.11 7.41
C PHE B 52 -0.54 10.38 6.65
N GLN B 53 0.74 10.53 6.27
CA GLN B 53 1.13 11.74 5.54
C GLN B 53 0.65 11.71 4.09
N ARG B 54 0.29 10.54 3.60
CA ARG B 54 -0.18 10.41 2.22
C ARG B 54 -1.63 10.81 2.07
N LYS B 55 -2.01 11.08 0.83
CA LYS B 55 -3.40 11.35 0.50
C LYS B 55 -4.31 10.25 1.05
N LEU B 56 -5.43 10.67 1.63
CA LEU B 56 -6.37 9.73 2.23
C LEU B 56 -7.14 8.96 1.14
N SER B 57 -6.64 7.78 0.84
CA SER B 57 -7.17 6.98 -0.26
C SER B 57 -6.31 5.72 -0.38
N TRP B 58 -6.77 4.79 -1.21
CA TRP B 58 -6.15 3.49 -1.26
C TRP B 58 -4.83 3.59 -1.96
N ILE B 59 -3.85 2.78 -1.52
CA ILE B 59 -2.61 2.73 -2.31
C ILE B 59 -2.10 1.29 -2.54
N LYS B 60 -1.42 1.08 -3.66
CA LYS B 60 -1.14 -0.28 -4.12
C LYS B 60 -0.05 -0.87 -3.24
N MET B 61 -0.22 -2.13 -2.80
CA MET B 61 0.63 -2.67 -1.76
C MET B 61 1.99 -2.97 -2.34
N THR B 62 2.02 -3.21 -3.66
CA THR B 62 3.30 -3.46 -4.33
C THR B 62 4.06 -2.17 -4.62
N LYS B 63 3.43 -1.03 -4.37
CA LYS B 63 4.17 0.26 -4.45
C LYS B 63 4.67 0.74 -3.08
N LEU B 64 4.26 0.06 -2.02
CA LEU B 64 4.85 0.28 -0.69
C LEU B 64 6.27 -0.29 -0.62
N GLU B 65 7.19 0.62 -0.39
CA GLU B 65 8.57 0.20 -0.16
C GLU B 65 9.20 1.07 0.90
N TYR B 66 9.64 0.44 1.98
CA TYR B 66 10.37 1.11 3.05
C TYR B 66 11.36 0.09 3.61
N GLU B 67 12.45 -0.11 2.88
CA GLU B 67 13.37 -1.20 3.15
C GLU B 67 13.96 -1.13 4.55
N GLU B 68 14.15 0.10 5.02
CA GLU B 68 14.74 0.33 6.32
C GLU B 68 13.77 -0.08 7.45
N ILE B 69 12.50 -0.26 7.12
CA ILE B 69 11.50 -0.65 8.12
C ILE B 69 11.20 -2.14 8.09
N ALA B 70 10.99 -2.67 6.90
CA ALA B 70 10.70 -4.10 6.71
C ALA B 70 10.80 -4.42 5.24
N LEU B 71 11.35 -5.57 4.87
CA LEU B 71 11.58 -5.87 3.48
C LEU B 71 10.23 -6.11 2.79
N ASP B 72 9.38 -6.77 3.56
CA ASP B 72 8.03 -7.13 3.14
C ASP B 72 7.03 -6.66 4.21
N LEU B 73 6.14 -5.79 3.78
CA LEU B 73 5.28 -5.06 4.71
C LEU B 73 4.07 -5.84 5.14
N THR B 74 3.78 -6.96 4.46
CA THR B 74 2.56 -7.73 4.70
C THR B 74 2.25 -7.99 6.18
N PRO B 75 3.21 -8.51 6.97
CA PRO B 75 2.78 -8.74 8.35
C PRO B 75 2.52 -7.43 9.13
N VAL B 76 3.21 -6.36 8.75
CA VAL B 76 2.99 -5.08 9.42
C VAL B 76 1.59 -4.55 9.10
N ILE B 77 1.25 -4.54 7.81
CA ILE B 77 -0.12 -4.25 7.34
C ILE B 77 -1.12 -5.08 8.15
N GLU B 78 -0.82 -6.37 8.30
CA GLU B 78 -1.64 -7.27 9.08
C GLU B 78 -1.83 -6.79 10.52
N GLU B 79 -0.72 -6.41 11.19
CA GLU B 79 -0.82 -5.84 12.53
C GLU B 79 -1.74 -4.60 12.56
N LEU B 80 -1.48 -3.68 11.63
CA LEU B 80 -2.25 -2.44 11.60
C LEU B 80 -3.73 -2.71 11.27
N THR B 81 -3.98 -3.71 10.44
CA THR B 81 -5.38 -4.09 10.12
C THR B 81 -6.09 -4.68 11.33
N ASN B 82 -5.44 -5.64 12.00
CA ASN B 82 -6.04 -6.29 13.17
C ASN B 82 -6.36 -5.27 14.25
N ALA B 83 -5.55 -4.22 14.31
CA ALA B 83 -5.67 -3.20 15.35
C ALA B 83 -6.70 -2.12 14.99
N GLY B 84 -7.22 -2.18 13.77
CA GLY B 84 -8.24 -1.24 13.31
C GLY B 84 -7.71 0.08 12.78
N PHE B 85 -6.46 0.09 12.28
CA PHE B 85 -5.86 1.35 11.85
C PHE B 85 -5.79 1.45 10.33
N LEU B 86 -5.65 0.31 9.65
CA LEU B 86 -5.57 0.16 8.21
C LEU B 86 -6.69 -0.77 7.73
N GLN B 87 -7.09 -0.62 6.47
CA GLN B 87 -7.88 -1.68 5.87
C GLN B 87 -7.14 -2.15 4.64
N THR B 88 -7.45 -3.39 4.25
CA THR B 88 -7.08 -3.97 2.94
C THR B 88 -8.26 -3.86 1.95
N GLU B 89 -8.07 -4.40 0.75
CA GLU B 89 -9.09 -4.32 -0.30
C GLU B 89 -10.41 -5.06 0.06
N SER B 90 -10.42 -5.82 1.15
CA SER B 90 -11.65 -6.41 1.65
C SER B 90 -12.67 -5.34 1.99
N GLU B 91 -12.18 -4.13 2.30
CA GLU B 91 -13.08 -3.05 2.70
C GLU B 91 -13.17 -2.01 1.58
N LEU B 92 -12.57 -2.32 0.45
CA LEU B 92 -12.84 -1.57 -0.78
C LEU B 92 -14.22 -1.91 -1.34
N GLN B 93 -15.20 -1.06 -1.06
CA GLN B 93 -16.60 -1.36 -1.40
C GLN B 93 -17.26 -0.31 -2.33
N GLU B 94 -16.53 0.78 -2.57
CA GLU B 94 -17.01 1.81 -3.48
C GLU B 94 -16.31 1.73 -4.82
N LEU B 95 -17.09 1.64 -5.88
CA LEU B 95 -16.57 1.59 -7.23
C LEU B 95 -15.69 2.82 -7.54
N SER B 96 -16.18 4.01 -7.18
CA SER B 96 -15.40 5.23 -7.37
C SER B 96 -14.06 5.17 -6.66
N GLU B 97 -13.98 4.67 -5.44
CA GLU B 97 -12.73 4.56 -4.70
C GLU B 97 -11.68 3.78 -5.51
N VAL B 98 -12.10 2.66 -6.10
CA VAL B 98 -11.13 1.80 -6.80
C VAL B 98 -10.80 2.40 -8.18
N LEU B 99 -11.81 2.95 -8.83
CA LEU B 99 -11.57 3.60 -10.10
C LEU B 99 -10.64 4.77 -9.93
N GLU B 100 -10.59 5.39 -8.73
CA GLU B 100 -9.64 6.46 -8.44
C GLU B 100 -8.22 5.95 -8.34
N LEU B 101 -8.07 4.72 -7.84
CA LEU B 101 -6.73 4.14 -7.69
C LEU B 101 -5.98 3.74 -9.00
N LEU B 102 -6.72 3.45 -10.07
CA LEU B 102 -6.11 2.97 -11.34
C LEU B 102 -5.53 4.05 -12.24
N SER B 103 -4.36 3.75 -12.83
CA SER B 103 -3.72 4.63 -13.80
C SER B 103 -4.56 4.71 -15.09
N ALA B 104 -4.10 5.50 -16.04
CA ALA B 104 -4.91 5.73 -17.23
C ALA B 104 -4.85 4.53 -18.19
N PRO B 105 -3.64 4.11 -18.58
CA PRO B 105 -3.60 2.91 -19.41
C PRO B 105 -4.47 1.78 -18.85
N GLU B 106 -4.42 1.53 -17.55
CA GLU B 106 -5.15 0.46 -16.90
C GLU B 106 -6.66 0.67 -17.04
N LEU B 107 -7.09 1.89 -16.79
CA LEU B 107 -8.50 2.25 -16.89
C LEU B 107 -8.99 2.04 -18.32
N LYS B 108 -8.11 2.39 -19.27
CA LYS B 108 -8.40 2.21 -20.68
C LYS B 108 -8.52 0.72 -20.96
N SER B 109 -7.53 -0.05 -20.54
CA SER B 109 -7.52 -1.51 -20.67
C SER B 109 -8.81 -2.13 -20.16
N LEU B 110 -9.18 -1.80 -18.92
CA LEU B 110 -10.42 -2.28 -18.34
C LEU B 110 -11.60 -1.89 -19.22
N ALA B 111 -11.54 -0.70 -19.79
CA ALA B 111 -12.63 -0.18 -20.60
C ALA B 111 -12.83 -1.03 -21.85
N LYS B 112 -11.74 -1.40 -22.50
CA LYS B 112 -11.81 -2.26 -23.67
C LYS B 112 -12.36 -3.60 -23.28
N THR B 113 -11.89 -4.14 -22.15
CA THR B 113 -12.38 -5.41 -21.58
C THR B 113 -13.90 -5.48 -21.48
N PHE B 114 -14.53 -4.45 -20.94
CA PHE B 114 -15.98 -4.43 -20.84
C PHE B 114 -16.72 -3.91 -22.06
N HIS B 115 -15.98 -3.70 -23.13
CA HIS B 115 -16.48 -3.13 -24.39
C HIS B 115 -17.18 -1.81 -24.11
N LEU B 116 -16.46 -0.93 -23.40
CA LEU B 116 -16.99 0.41 -23.13
C LEU B 116 -16.74 1.37 -24.28
N VAL B 117 -17.81 2.02 -24.70
CA VAL B 117 -17.77 2.92 -25.83
C VAL B 117 -16.87 4.14 -25.55
N ASN B 118 -16.23 4.68 -26.57
CA ASN B 118 -15.43 5.91 -26.43
C ASN B 118 -14.32 5.70 -25.34
N PRO B 119 -13.60 4.55 -25.38
CA PRO B 119 -12.68 4.26 -24.27
C PRO B 119 -11.57 5.30 -24.12
N ASN B 120 -11.24 5.97 -25.22
CA ASN B 120 -10.16 6.94 -25.25
C ASN B 120 -10.49 8.16 -24.41
N GLY B 121 -11.76 8.25 -24.01
CA GLY B 121 -12.20 9.30 -23.09
C GLY B 121 -11.44 9.49 -21.77
N GLN B 122 -11.25 10.74 -21.38
CA GLN B 122 -10.47 11.12 -20.22
C GLN B 122 -11.01 10.47 -18.94
N LYS B 123 -10.18 10.36 -17.91
CA LYS B 123 -10.45 9.49 -16.79
C LYS B 123 -11.78 9.76 -16.13
N GLN B 124 -12.06 11.03 -15.86
CA GLN B 124 -13.36 11.36 -15.29
C GLN B 124 -14.49 10.77 -16.17
N GLN B 125 -14.31 10.83 -17.49
CA GLN B 125 -15.34 10.35 -18.42
C GLN B 125 -15.46 8.82 -18.32
N LEU B 126 -14.34 8.12 -18.36
CA LEU B 126 -14.30 6.69 -18.14
C LEU B 126 -14.96 6.28 -16.79
N VAL B 127 -14.50 6.89 -15.70
CA VAL B 127 -15.04 6.60 -14.37
C VAL B 127 -16.55 6.76 -14.37
N ASP B 128 -17.01 7.86 -14.94
CA ASP B 128 -18.45 8.12 -15.06
C ASP B 128 -19.16 7.13 -15.97
N ALA B 129 -18.56 6.81 -17.11
CA ALA B 129 -19.16 5.78 -17.99
C ALA B 129 -19.28 4.45 -17.27
N PHE B 130 -18.23 4.00 -16.57
CA PHE B 130 -18.30 2.74 -15.81
C PHE B 130 -19.41 2.74 -14.77
N LEU B 131 -19.53 3.85 -14.07
CA LEU B 131 -20.46 3.96 -12.96
C LEU B 131 -21.90 4.00 -13.48
N LYS B 132 -22.04 4.69 -14.61
CA LYS B 132 -23.36 4.74 -15.24
C LYS B 132 -23.67 3.36 -15.80
N LEU B 133 -22.76 2.79 -16.57
CA LEU B 133 -22.87 1.43 -17.07
C LEU B 133 -23.31 0.47 -15.97
N ALA B 134 -22.86 0.70 -14.74
CA ALA B 134 -23.24 -0.15 -13.60
C ALA B 134 -24.72 0.05 -13.18
N LYS B 135 -25.27 1.19 -13.58
CA LYS B 135 -26.67 1.50 -13.24
C LYS B 135 -27.66 0.96 -14.33
N GLN B 136 -27.27 -0.16 -14.93
CA GLN B 136 -28.12 -0.79 -15.94
C GLN B 136 -29.38 -1.28 -15.30
N GLY B 148 -25.67 -5.62 -9.17
CA GLY B 148 -25.94 -5.73 -10.60
C GLY B 148 -24.66 -6.02 -11.34
N ILE B 149 -24.41 -5.23 -12.39
CA ILE B 149 -23.16 -5.27 -13.15
C ILE B 149 -22.03 -4.56 -12.37
N GLY B 150 -22.39 -3.72 -11.40
CA GLY B 150 -21.39 -2.93 -10.70
C GLY B 150 -20.37 -3.80 -10.01
N ALA B 151 -20.89 -4.80 -9.29
CA ALA B 151 -20.08 -5.80 -8.60
C ALA B 151 -19.01 -6.46 -9.48
N VAL B 152 -19.35 -6.73 -10.74
CA VAL B 152 -18.44 -7.34 -11.70
C VAL B 152 -17.37 -6.37 -12.16
N ILE B 153 -17.76 -5.14 -12.44
CA ILE B 153 -16.75 -4.16 -12.79
C ILE B 153 -15.80 -3.99 -11.60
N LEU B 154 -16.38 -4.02 -10.39
CA LEU B 154 -15.59 -3.89 -9.16
C LEU B 154 -14.51 -4.96 -9.04
N LYS B 155 -14.87 -6.22 -9.28
CA LYS B 155 -13.95 -7.31 -8.97
C LYS B 155 -12.82 -7.28 -9.99
N ARG B 156 -13.17 -6.97 -11.24
CA ARG B 156 -12.20 -7.00 -12.31
C ARG B 156 -11.19 -5.84 -12.16
N ALA B 157 -11.69 -4.69 -11.71
CA ALA B 157 -10.84 -3.54 -11.39
C ALA B 157 -9.84 -3.85 -10.26
N LYS B 158 -10.37 -4.52 -9.22
CA LYS B 158 -9.54 -4.92 -8.08
C LYS B 158 -8.47 -5.93 -8.51
N ALA B 159 -8.83 -6.85 -9.41
CA ALA B 159 -7.86 -7.78 -9.96
C ALA B 159 -6.72 -7.00 -10.64
N LEU B 160 -7.06 -5.93 -11.36
CA LEU B 160 -6.04 -5.11 -11.99
C LEU B 160 -5.25 -4.31 -10.95
N ALA B 161 -5.91 -3.64 -10.01
CA ALA B 161 -5.23 -2.90 -8.98
C ALA B 161 -4.20 -3.71 -8.19
N GLY B 162 -4.52 -4.97 -7.94
CA GLY B 162 -3.75 -5.80 -7.00
C GLY B 162 -4.05 -5.43 -5.57
N GLN B 163 -3.19 -5.92 -4.67
CA GLN B 163 -3.43 -5.76 -3.22
C GLN B 163 -3.40 -4.28 -2.88
N SER B 164 -4.37 -3.82 -2.09
CA SER B 164 -4.46 -2.38 -1.80
C SER B 164 -4.76 -2.08 -0.34
N VAL B 165 -4.22 -0.99 0.15
CA VAL B 165 -4.39 -0.67 1.56
C VAL B 165 -4.77 0.79 1.70
N ARG B 166 -5.57 1.09 2.72
CA ARG B 166 -5.87 2.46 3.06
C ARG B 166 -5.91 2.63 4.58
N ILE B 167 -5.42 3.79 5.03
CA ILE B 167 -5.63 4.28 6.41
C ILE B 167 -7.11 4.40 6.70
N CYS B 168 -7.58 3.81 7.79
CA CYS B 168 -8.98 3.98 8.20
C CYS B 168 -9.26 5.40 8.61
N LYS B 169 -10.44 5.89 8.24
CA LYS B 169 -10.68 7.34 8.33
C LYS B 169 -10.99 7.81 9.74
N GLY B 170 -11.61 6.96 10.58
CA GLY B 170 -11.79 7.28 11.97
C GLY B 170 -10.49 7.69 12.66
N PRO B 171 -9.55 6.75 12.81
CA PRO B 171 -8.29 7.07 13.49
C PRO B 171 -7.54 8.22 12.81
N ARG B 172 -7.53 8.22 11.48
CA ARG B 172 -6.84 9.27 10.76
C ARG B 172 -7.37 10.65 11.15
N ALA B 173 -8.68 10.78 11.32
CA ALA B 173 -9.23 12.09 11.63
C ALA B 173 -8.90 12.50 13.05
N VAL B 174 -8.59 11.53 13.91
CA VAL B 174 -8.20 11.84 15.28
C VAL B 174 -6.83 12.52 15.26
N PHE B 175 -5.89 11.91 14.55
CA PHE B 175 -4.56 12.45 14.46
C PHE B 175 -4.61 13.78 13.74
N SER B 176 -5.53 13.85 12.79
CA SER B 176 -5.73 15.05 12.01
C SER B 176 -6.11 16.26 12.88
N ARG B 177 -7.03 16.03 13.80
CA ARG B 177 -7.44 17.08 14.71
C ARG B 177 -6.36 17.36 15.75
N ILE B 178 -5.57 16.36 16.11
CA ILE B 178 -4.44 16.59 17.02
C ILE B 178 -3.44 17.51 16.37
N LEU B 179 -3.05 17.21 15.12
CA LEU B 179 -2.25 18.09 14.29
C LEU B 179 -2.74 19.54 14.32
N LEU B 180 -4.04 19.69 14.10
CA LEU B 180 -4.61 21.02 14.06
C LEU B 180 -4.39 21.74 15.36
N LEU B 181 -4.65 21.02 16.45
CA LEU B 181 -4.50 21.57 17.80
C LEU B 181 -3.09 22.00 18.11
N PHE B 182 -2.10 21.38 17.47
CA PHE B 182 -0.73 21.65 17.78
C PHE B 182 -0.28 22.96 17.13
N SER B 183 -0.71 23.16 15.90
CA SER B 183 -0.30 24.33 15.16
C SER B 183 -1.50 24.89 14.41
N LEU B 184 -2.28 25.69 15.09
CA LEU B 184 -3.49 26.31 14.54
C LEU B 184 -3.21 27.31 13.42
N THR B 185 -2.07 27.99 13.48
CA THR B 185 -1.70 28.97 12.47
C THR B 185 -1.23 28.36 11.13
N ASP B 186 -1.21 27.03 11.06
CA ASP B 186 -0.91 26.35 9.80
C ASP B 186 -2.20 25.89 9.11
N SER B 187 -3.33 26.02 9.82
CA SER B 187 -4.62 25.56 9.33
C SER B 187 -5.21 26.40 8.19
N MET B 188 -5.08 27.71 8.29
CA MET B 188 -5.55 28.63 7.25
C MET B 188 -4.41 29.08 6.34
N GLU B 189 -3.19 28.65 6.67
CA GLU B 189 -1.98 29.07 5.96
C GLU B 189 -2.06 28.59 4.50
N LEU B 205 2.90 18.75 9.33
CA LEU B 205 3.00 18.39 7.90
C LEU B 205 4.35 18.81 7.35
N LEU B 206 4.85 19.94 7.86
CA LEU B 206 6.10 20.48 7.37
C LEU B 206 7.31 19.59 7.67
N VAL B 207 7.85 18.98 6.60
CA VAL B 207 8.97 18.04 6.70
C VAL B 207 10.22 18.49 7.44
N ASN B 208 10.61 19.75 7.24
CA ASN B 208 11.91 20.21 7.72
C ASN B 208 12.04 20.20 9.25
N LEU B 209 10.88 20.09 9.90
CA LEU B 209 10.76 20.25 11.36
C LEU B 209 11.92 19.65 12.16
N GLY B 210 12.38 18.46 11.77
CA GLY B 210 13.55 17.88 12.40
C GLY B 210 14.78 18.75 12.26
N ARG B 211 14.86 19.60 11.23
CA ARG B 211 16.08 20.33 10.94
C ARG B 211 16.00 21.87 11.17
N MET B 212 14.79 22.42 11.28
CA MET B 212 14.70 23.86 11.47
C MET B 212 14.98 24.25 12.93
N GLU B 213 15.76 25.32 13.09
CA GLU B 213 16.03 25.94 14.39
C GLU B 213 14.97 27.05 14.61
N PHE B 214 14.25 26.98 15.72
CA PHE B 214 13.08 27.86 15.93
C PHE B 214 13.45 29.08 16.75
N PRO B 215 12.65 30.19 16.71
CA PRO B 215 13.11 31.33 17.51
C PRO B 215 13.04 31.04 19.01
N SER B 216 13.65 31.88 19.83
CA SER B 216 13.63 31.65 21.26
C SER B 216 12.50 32.43 21.85
N TYR B 217 11.85 31.87 22.87
CA TYR B 217 10.85 32.60 23.65
C TYR B 217 10.50 31.66 24.77
N THR B 218 9.71 32.10 25.74
CA THR B 218 9.19 31.16 26.71
C THR B 218 7.67 30.90 26.42
N ILE B 219 7.28 29.65 26.45
CA ILE B 219 5.92 29.23 26.05
C ILE B 219 5.00 29.72 27.16
N ASN B 220 3.87 30.36 26.81
CA ASN B 220 2.92 30.76 27.83
C ASN B 220 1.48 30.64 27.29
N ARG B 221 0.86 29.50 27.58
CA ARG B 221 -0.56 29.21 27.23
C ARG B 221 -1.51 29.47 28.41
N LYS B 222 -2.67 30.07 28.14
CA LYS B 222 -3.53 30.49 29.23
C LYS B 222 -5.01 30.19 28.92
N THR B 223 -5.33 30.06 27.63
CA THR B 223 -6.73 29.99 27.22
C THR B 223 -7.05 28.72 26.44
N HIS B 224 -8.23 28.22 26.72
CA HIS B 224 -8.80 27.12 25.95
C HIS B 224 -9.30 27.63 24.63
N ILE B 225 -8.86 27.03 23.53
CA ILE B 225 -9.25 27.50 22.23
C ILE B 225 -10.51 26.75 21.79
N PHE B 226 -10.52 25.44 22.00
CA PHE B 226 -11.65 24.63 21.55
C PHE B 226 -12.48 24.21 22.74
N GLN B 227 -13.78 24.43 22.62
CA GLN B 227 -14.68 24.20 23.75
C GLN B 227 -14.81 22.70 24.05
N ASP B 228 -14.80 21.87 23.00
CA ASP B 228 -15.06 20.46 23.19
C ASP B 228 -14.74 19.62 21.97
N ARG B 229 -14.79 18.32 22.13
CA ARG B 229 -14.65 17.35 21.06
C ARG B 229 -15.38 17.73 19.79
N ASP B 230 -16.65 18.13 19.94
CA ASP B 230 -17.47 18.49 18.76
C ASP B 230 -16.99 19.77 18.10
N ASP B 231 -16.63 20.77 18.89
CA ASP B 231 -16.03 22.02 18.40
C ASP B 231 -14.83 21.72 17.49
N LEU B 232 -13.92 20.89 17.96
CA LEU B 232 -12.78 20.47 17.16
C LEU B 232 -13.20 19.82 15.84
N ILE B 233 -14.20 18.93 15.95
CA ILE B 233 -14.70 18.20 14.76
C ILE B 233 -15.33 19.15 13.75
N ARG B 234 -16.11 20.11 14.23
CA ARG B 234 -16.69 21.10 13.33
C ARG B 234 -15.58 21.94 12.72
N TYR B 235 -14.60 22.35 13.54
CA TYR B 235 -13.42 23.07 13.02
C TYR B 235 -12.75 22.29 11.88
N ALA B 236 -12.49 21.01 12.11
CA ALA B 236 -11.82 20.16 11.14
C ALA B 236 -12.59 20.06 9.85
N ALA B 237 -13.89 19.92 9.96
CA ALA B 237 -14.73 19.76 8.74
C ALA B 237 -14.75 21.07 7.97
N ALA B 238 -14.75 22.19 8.65
CA ALA B 238 -14.68 23.46 7.95
C ALA B 238 -13.36 23.51 7.16
N THR B 239 -12.27 23.13 7.82
CA THR B 239 -10.94 23.12 7.21
C THR B 239 -10.93 22.33 5.91
N HIS B 240 -11.47 21.12 5.95
CA HIS B 240 -11.47 20.24 4.79
C HIS B 240 -12.31 20.81 3.67
N MET B 241 -13.45 21.39 4.01
CA MET B 241 -14.27 22.07 3.02
C MET B 241 -13.50 23.20 2.34
N LEU B 242 -12.82 24.03 3.13
CA LEU B 242 -12.06 25.16 2.58
C LEU B 242 -10.99 24.62 1.66
N SER B 243 -10.41 23.50 2.05
CA SER B 243 -9.40 22.86 1.24
C SER B 243 -10.00 22.32 -0.06
N ASP B 244 -11.21 21.77 0.04
CA ASP B 244 -11.90 21.29 -1.16
C ASP B 244 -12.18 22.39 -2.16
N ILE B 245 -12.84 23.43 -1.67
CA ILE B 245 -13.22 24.59 -2.48
C ILE B 245 -12.00 25.20 -3.15
N SER B 246 -10.95 25.39 -2.37
CA SER B 246 -9.71 25.95 -2.88
C SER B 246 -9.16 25.11 -4.02
N SER B 247 -9.12 23.81 -3.81
CA SER B 247 -8.69 22.89 -4.85
C SER B 247 -9.47 23.09 -6.15
N ALA B 248 -10.80 23.04 -6.06
CA ALA B 248 -11.67 23.25 -7.20
C ALA B 248 -11.37 24.55 -7.96
N MET B 249 -11.36 25.67 -7.25
CA MET B 249 -11.04 26.97 -7.87
C MET B 249 -9.70 26.92 -8.61
N ALA B 250 -8.71 26.27 -8.01
CA ALA B 250 -7.37 26.25 -8.59
C ALA B 250 -7.41 25.64 -10.00
N ASN B 251 -8.27 24.63 -10.16
CA ASN B 251 -8.36 23.87 -11.39
C ASN B 251 -9.40 24.42 -12.37
N GLY B 252 -9.97 25.56 -12.03
CA GLY B 252 -10.95 26.21 -12.87
C GLY B 252 -12.31 25.52 -12.81
N ASN B 253 -12.54 24.74 -11.76
CA ASN B 253 -13.83 24.06 -11.65
C ASN B 253 -14.81 24.88 -10.83
N TRP B 254 -15.13 26.08 -11.31
CA TRP B 254 -15.83 27.06 -10.50
C TRP B 254 -17.26 26.65 -10.19
N GLU B 255 -17.86 25.85 -11.07
CA GLU B 255 -19.23 25.40 -10.87
C GLU B 255 -19.32 24.41 -9.72
N GLU B 256 -18.44 23.42 -9.74
CA GLU B 256 -18.26 22.50 -8.62
C GLU B 256 -17.86 23.26 -7.35
N ALA B 257 -16.98 24.25 -7.52
CA ALA B 257 -16.53 25.05 -6.38
C ALA B 257 -17.69 25.76 -5.70
N LYS B 258 -18.65 26.19 -6.51
CA LYS B 258 -19.82 26.95 -6.05
C LYS B 258 -20.74 26.08 -5.20
N GLU B 259 -21.04 24.88 -5.69
CA GLU B 259 -22.00 24.01 -5.02
C GLU B 259 -21.44 23.57 -3.66
N LEU B 260 -20.16 23.16 -3.69
CA LEU B 260 -19.48 22.82 -2.44
C LEU B 260 -19.52 23.99 -1.48
N ALA B 261 -19.29 25.20 -1.95
CA ALA B 261 -19.36 26.39 -1.09
C ALA B 261 -20.76 26.64 -0.56
N GLN B 262 -21.76 26.36 -1.38
CA GLN B 262 -23.15 26.56 -0.97
C GLN B 262 -23.55 25.60 0.13
N CYS B 263 -23.09 24.35 0.02
CA CYS B 263 -23.29 23.38 1.11
C CYS B 263 -22.57 23.82 2.37
N ALA B 264 -21.30 24.18 2.22
CA ALA B 264 -20.50 24.67 3.34
C ALA B 264 -21.21 25.85 3.95
N LYS B 265 -21.76 26.70 3.10
CA LYS B 265 -22.50 27.86 3.57
C LYS B 265 -23.66 27.37 4.41
N ARG B 266 -24.35 26.32 3.96
CA ARG B 266 -25.48 25.74 4.71
C ARG B 266 -25.10 25.11 6.03
N ASP B 267 -23.97 24.41 6.05
CA ASP B 267 -23.46 23.79 7.26
C ASP B 267 -23.08 24.83 8.32
N TRP B 268 -22.60 26.01 7.90
CA TRP B 268 -22.29 27.08 8.81
C TRP B 268 -23.47 27.73 9.49
N ASN B 269 -24.53 28.08 8.75
N ASN B 269 -24.54 28.05 8.76
CA ASN B 269 -25.77 28.60 9.34
CA ASN B 269 -25.73 28.61 9.41
C ASN B 269 -26.40 27.54 10.25
C ASN B 269 -26.48 27.54 10.22
N ARG B 270 -26.29 26.29 9.83
CA ARG B 270 -26.80 25.15 10.60
C ARG B 270 -25.97 24.92 11.87
N LEU B 271 -24.95 25.71 12.06
CA LEU B 271 -24.04 25.54 13.18
C LEU B 271 -23.98 26.77 14.04
N LYS B 272 -24.40 27.93 13.51
CA LYS B 272 -24.21 29.21 14.19
C LYS B 272 -24.73 29.20 15.64
N ASN B 273 -25.77 28.38 15.83
CA ASN B 273 -26.53 28.22 17.06
C ASN B 273 -25.76 27.54 18.23
N HIS B 274 -24.65 26.90 17.91
CA HIS B 274 -24.01 26.00 18.81
C HIS B 274 -23.27 26.77 19.95
N PRO B 275 -23.29 26.20 21.16
CA PRO B 275 -22.73 26.83 22.34
C PRO B 275 -21.27 27.27 22.22
N SER B 276 -20.52 26.55 21.43
CA SER B 276 -19.05 26.75 21.44
C SER B 276 -18.68 28.06 20.77
N LEU B 277 -19.57 28.56 19.90
CA LEU B 277 -19.30 29.78 19.18
C LEU B 277 -19.31 30.98 20.11
N ARG B 278 -20.14 30.94 21.13
CA ARG B 278 -20.24 32.02 22.09
C ARG B 278 -18.86 32.28 22.73
N CYS B 279 -18.14 31.20 23.02
CA CYS B 279 -16.83 31.31 23.63
C CYS B 279 -15.78 31.78 22.62
N HIS B 280 -15.95 31.40 21.36
CA HIS B 280 -15.07 31.90 20.31
C HIS B 280 -15.17 33.42 20.14
N GLU B 281 -16.39 33.94 20.25
CA GLU B 281 -16.62 35.37 20.09
C GLU B 281 -15.96 36.20 21.19
N ASP B 282 -15.66 35.56 22.32
CA ASP B 282 -15.04 36.24 23.45
C ASP B 282 -13.51 36.32 23.31
N LEU B 283 -12.94 35.52 22.42
CA LEU B 283 -11.50 35.57 22.21
C LEU B 283 -11.05 36.86 21.55
N PRO B 284 -9.87 37.37 21.93
CA PRO B 284 -9.29 38.46 21.16
C PRO B 284 -9.00 38.03 19.71
N LEU B 285 -8.97 39.01 18.82
CA LEU B 285 -8.87 38.77 17.39
C LEU B 285 -7.76 37.80 16.98
N PHE B 286 -6.61 37.87 17.64
CA PHE B 286 -5.45 37.11 17.18
C PHE B 286 -5.52 35.64 17.58
N LEU B 287 -6.46 35.31 18.47
CA LEU B 287 -6.80 33.91 18.75
C LEU B 287 -8.09 33.50 18.03
N ARG B 288 -8.99 34.48 17.83
CA ARG B 288 -10.29 34.21 17.25
C ARG B 288 -10.14 33.59 15.84
N CYS B 289 -9.00 33.85 15.21
CA CYS B 289 -8.76 33.35 13.88
C CYS B 289 -8.57 31.84 13.86
N PHE B 290 -8.44 31.28 15.06
CA PHE B 290 -8.21 29.83 15.19
C PHE B 290 -9.47 29.16 15.76
N THR B 291 -10.62 29.52 15.19
CA THR B 291 -11.91 28.99 15.57
C THR B 291 -12.73 28.59 14.32
N VAL B 292 -13.75 27.78 14.53
CA VAL B 292 -14.58 27.29 13.45
C VAL B 292 -15.24 28.44 12.65
N GLY B 293 -15.80 29.41 13.36
CA GLY B 293 -16.50 30.51 12.72
C GLY B 293 -15.63 31.34 11.80
N TRP B 294 -14.41 31.63 12.26
CA TRP B 294 -13.43 32.40 11.50
C TRP B 294 -13.11 31.71 10.20
N ILE B 295 -12.94 30.40 10.26
CA ILE B 295 -12.70 29.60 9.06
C ILE B 295 -13.86 29.66 8.07
N TYR B 296 -15.10 29.61 8.56
CA TYR B 296 -16.23 29.66 7.64
C TYR B 296 -16.37 31.05 7.03
N THR B 297 -15.98 32.06 7.81
CA THR B 297 -15.95 33.42 7.31
C THR B 297 -14.97 33.50 6.15
N ARG B 298 -13.80 32.91 6.32
CA ARG B 298 -12.82 32.88 5.23
C ARG B 298 -13.43 32.14 4.05
N ILE B 299 -14.16 31.06 4.34
CA ILE B 299 -14.79 30.31 3.27
C ILE B 299 -15.79 31.20 2.52
N LEU B 300 -16.61 31.93 3.27
CA LEU B 300 -17.57 32.87 2.67
C LEU B 300 -16.89 33.93 1.84
N SER B 301 -15.70 34.33 2.26
CA SER B 301 -14.98 35.36 1.54
C SER B 301 -14.51 34.83 0.18
N ARG B 302 -14.09 33.58 0.11
CA ARG B 302 -13.74 33.03 -1.20
C ARG B 302 -14.99 32.84 -2.05
N PHE B 303 -16.10 32.60 -1.37
CA PHE B 303 -17.38 32.40 -2.03
C PHE B 303 -17.70 33.64 -2.85
N VAL B 304 -17.32 34.81 -2.33
CA VAL B 304 -17.56 36.06 -3.05
C VAL B 304 -16.84 36.01 -4.40
N GLU B 305 -15.56 35.64 -4.37
CA GLU B 305 -14.75 35.61 -5.58
C GLU B 305 -15.30 34.62 -6.59
N ILE B 306 -15.83 33.51 -6.07
CA ILE B 306 -16.37 32.50 -6.93
C ILE B 306 -17.62 33.01 -7.64
N LEU B 307 -18.54 33.57 -6.89
CA LEU B 307 -19.76 34.15 -7.45
C LEU B 307 -19.45 35.13 -8.59
N GLN B 308 -18.41 35.94 -8.40
CA GLN B 308 -18.03 36.91 -9.44
C GLN B 308 -17.45 36.27 -10.68
N ARG B 309 -16.56 35.31 -10.51
CA ARG B 309 -16.05 34.54 -11.64
C ARG B 309 -17.19 33.93 -12.48
N LEU B 310 -18.28 33.58 -11.80
CA LEU B 310 -19.45 33.01 -12.45
C LEU B 310 -20.47 34.08 -12.85
N HIS B 311 -20.09 35.34 -12.67
CA HIS B 311 -20.88 36.49 -13.09
C HIS B 311 -22.14 36.71 -12.28
N MET B 312 -22.22 36.07 -11.11
CA MET B 312 -23.45 36.16 -10.32
C MET B 312 -23.42 37.37 -9.39
N TYR B 313 -23.29 38.55 -9.99
CA TYR B 313 -22.92 39.77 -9.26
C TYR B 313 -23.99 40.18 -8.28
N GLU B 314 -25.24 39.91 -8.65
CA GLU B 314 -26.38 40.13 -7.74
C GLU B 314 -26.17 39.40 -6.42
N GLU B 315 -25.96 38.08 -6.49
CA GLU B 315 -25.81 37.23 -5.29
C GLU B 315 -24.56 37.57 -4.50
N ALA B 316 -23.50 37.92 -5.21
CA ALA B 316 -22.22 38.34 -4.60
C ALA B 316 -22.46 39.51 -3.68
N VAL B 317 -23.31 40.44 -4.09
CA VAL B 317 -23.53 41.66 -3.33
C VAL B 317 -24.25 41.40 -1.98
N ARG B 318 -25.23 40.52 -1.96
CA ARG B 318 -25.96 40.23 -0.73
C ARG B 318 -25.02 39.55 0.25
N GLU B 319 -24.25 38.58 -0.25
CA GLU B 319 -23.29 37.86 0.60
C GLU B 319 -22.26 38.83 1.18
N LEU B 320 -21.82 39.82 0.41
CA LEU B 320 -20.88 40.83 0.88
C LEU B 320 -21.47 41.68 1.95
N GLU B 321 -22.76 42.01 1.80
CA GLU B 321 -23.47 42.85 2.75
C GLU B 321 -23.71 42.08 4.04
N SER B 322 -23.93 40.77 3.89
CA SER B 322 -24.01 39.87 4.99
C SER B 322 -22.69 39.79 5.80
N LEU B 323 -21.59 39.53 5.11
CA LEU B 323 -20.26 39.53 5.74
C LEU B 323 -20.02 40.85 6.47
N LEU B 324 -20.34 41.95 5.81
CA LEU B 324 -20.09 43.24 6.41
C LEU B 324 -21.07 43.58 7.53
N SER B 325 -22.14 42.80 7.67
CA SER B 325 -23.16 43.16 8.67
C SER B 325 -22.80 42.62 10.06
N GLN B 326 -21.86 41.68 10.10
CA GLN B 326 -21.36 41.14 11.36
C GLN B 326 -19.95 41.67 11.61
N ARG B 327 -19.57 41.80 12.89
CA ARG B 327 -18.24 42.31 13.23
C ARG B 327 -17.41 41.39 14.13
N ILE B 328 -17.59 40.07 14.02
CA ILE B 328 -16.81 39.18 14.88
C ILE B 328 -15.59 38.61 14.16
N TYR B 329 -15.73 38.42 12.86
CA TYR B 329 -14.73 37.65 12.10
C TYR B 329 -14.07 38.41 10.98
N CYS B 330 -12.75 38.22 10.88
CA CYS B 330 -11.94 38.82 9.81
C CYS B 330 -12.09 40.34 9.69
N PRO B 331 -12.00 41.10 10.80
CA PRO B 331 -12.00 42.55 10.63
C PRO B 331 -10.92 43.04 9.65
N ASP B 332 -9.80 42.30 9.59
CA ASP B 332 -8.71 42.64 8.66
C ASP B 332 -9.18 42.66 7.21
N SER B 333 -10.28 41.97 6.92
CA SER B 333 -10.72 41.81 5.54
C SER B 333 -11.70 42.86 5.08
N ARG B 334 -12.18 43.67 6.02
CA ARG B 334 -13.29 44.59 5.75
C ARG B 334 -12.98 45.53 4.60
N GLY B 335 -11.76 46.04 4.51
CA GLY B 335 -11.36 46.91 3.42
C GLY B 335 -11.49 46.24 2.07
N ARG B 336 -11.09 44.99 2.00
CA ARG B 336 -11.19 44.25 0.76
C ARG B 336 -12.67 44.08 0.39
N TRP B 337 -13.50 43.81 1.41
CA TRP B 337 -14.94 43.61 1.20
C TRP B 337 -15.64 44.87 0.70
N TRP B 338 -15.45 45.98 1.41
CA TRP B 338 -16.06 47.25 1.02
C TRP B 338 -15.71 47.59 -0.42
N ASP B 339 -14.43 47.55 -0.71
CA ASP B 339 -13.92 47.86 -2.04
C ASP B 339 -14.52 46.96 -3.13
N ARG B 340 -14.72 45.68 -2.86
CA ARG B 340 -15.26 44.79 -3.88
C ARG B 340 -16.77 45.04 -4.04
N LEU B 341 -17.42 45.33 -2.91
CA LEU B 341 -18.84 45.66 -2.90
C LEU B 341 -19.12 46.89 -3.79
N ALA B 342 -18.35 47.95 -3.59
CA ALA B 342 -18.44 49.16 -4.42
C ALA B 342 -18.20 48.84 -5.88
N LEU B 343 -17.19 48.04 -6.19
CA LEU B 343 -16.89 47.70 -7.56
C LEU B 343 -18.08 47.00 -8.21
N ASN B 344 -18.66 46.04 -7.50
CA ASN B 344 -19.80 45.32 -8.05
C ASN B 344 -20.99 46.24 -8.20
N LEU B 345 -21.23 47.15 -7.25
CA LEU B 345 -22.30 48.15 -7.41
C LEU B 345 -22.04 49.14 -8.54
N HIS B 346 -20.82 49.68 -8.59
CA HIS B 346 -20.48 50.75 -9.52
C HIS B 346 -20.45 50.21 -10.91
N GLN B 347 -19.87 49.03 -11.13
CA GLN B 347 -19.76 48.55 -12.52
C GLN B 347 -20.69 47.37 -12.79
N HIS B 348 -20.61 46.36 -11.95
CA HIS B 348 -21.45 45.17 -12.14
C HIS B 348 -22.95 45.44 -12.04
N LEU B 349 -23.33 46.14 -10.99
CA LEU B 349 -24.75 46.38 -10.73
C LEU B 349 -25.20 47.68 -11.37
N LYS B 350 -24.29 48.65 -11.53
CA LYS B 350 -24.65 49.99 -12.00
C LYS B 350 -25.73 50.66 -11.11
N ARG B 351 -25.71 50.33 -9.81
CA ARG B 351 -26.66 50.96 -8.88
C ARG B 351 -25.99 52.08 -8.10
N LEU B 352 -26.24 53.32 -8.53
CA LEU B 352 -25.36 54.42 -8.17
C LEU B 352 -25.51 54.91 -6.74
N GLU B 353 -26.71 55.00 -6.23
CA GLU B 353 -26.93 55.50 -4.86
C GLU B 353 -26.49 54.53 -3.73
N PRO B 354 -26.75 53.22 -3.91
CA PRO B 354 -26.23 52.32 -2.88
C PRO B 354 -24.72 52.30 -2.91
N THR B 355 -24.13 52.47 -4.10
CA THR B 355 -22.68 52.58 -4.24
C THR B 355 -22.14 53.73 -3.35
N ILE B 356 -22.76 54.90 -3.45
CA ILE B 356 -22.34 56.03 -2.66
C ILE B 356 -22.48 55.75 -1.19
N LYS B 357 -23.59 55.11 -0.82
CA LYS B 357 -23.84 54.71 0.55
C LYS B 357 -22.70 53.83 1.06
N CYS B 358 -22.35 52.85 0.23
CA CYS B 358 -21.30 51.89 0.53
C CYS B 358 -19.96 52.56 0.84
N ILE B 359 -19.53 53.47 -0.04
CA ILE B 359 -18.29 54.19 0.12
C ILE B 359 -18.27 54.98 1.40
N THR B 360 -19.41 55.56 1.75
CA THR B 360 -19.48 56.41 2.92
C THR B 360 -19.42 55.56 4.21
N GLU B 361 -20.09 54.41 4.19
CA GLU B 361 -20.01 53.51 5.33
C GLU B 361 -18.61 52.94 5.44
N GLY B 362 -18.06 52.52 4.30
CA GLY B 362 -16.69 52.06 4.24
C GLY B 362 -15.72 53.09 4.80
N LEU B 363 -15.84 54.33 4.35
CA LEU B 363 -14.97 55.36 4.86
C LEU B 363 -15.13 55.57 6.36
N ALA B 364 -16.31 55.28 6.87
CA ALA B 364 -16.63 55.43 8.29
C ALA B 364 -16.06 54.26 9.13
N ASP B 365 -15.81 53.12 8.48
CA ASP B 365 -15.31 51.90 9.13
C ASP B 365 -13.85 52.00 9.59
N PRO B 366 -13.60 52.06 10.92
CA PRO B 366 -12.24 52.34 11.38
C PRO B 366 -11.22 51.20 11.10
N GLU B 367 -11.72 50.02 10.77
CA GLU B 367 -10.83 48.88 10.52
C GLU B 367 -10.24 48.94 9.13
N VAL B 368 -10.85 49.69 8.22
CA VAL B 368 -10.30 49.83 6.88
C VAL B 368 -8.98 50.62 6.88
N ARG B 369 -7.88 49.97 6.50
CA ARG B 369 -6.58 50.63 6.45
C ARG B 369 -6.45 51.49 5.21
N THR B 370 -5.35 52.23 5.09
CA THR B 370 -5.33 53.39 4.19
C THR B 370 -5.38 53.03 2.70
N GLY B 371 -4.74 51.92 2.33
CA GLY B 371 -4.83 51.41 0.95
C GLY B 371 -6.26 51.26 0.41
N HIS B 372 -7.08 50.45 1.08
CA HIS B 372 -8.46 50.25 0.65
C HIS B 372 -9.25 51.54 0.80
N ARG B 373 -8.91 52.30 1.84
CA ARG B 373 -9.53 53.58 2.08
C ARG B 373 -9.38 54.49 0.87
N LEU B 374 -8.14 54.60 0.39
CA LEU B 374 -7.82 55.40 -0.79
C LEU B 374 -8.57 54.86 -1.98
N SER B 375 -8.68 53.53 -2.06
CA SER B 375 -9.41 52.88 -3.12
C SER B 375 -10.88 53.24 -3.12
N LEU B 376 -11.44 53.31 -1.92
CA LEU B 376 -12.87 53.60 -1.80
C LEU B 376 -13.15 55.05 -2.18
N TYR B 377 -12.35 55.95 -1.62
CA TYR B 377 -12.46 57.37 -1.88
C TYR B 377 -12.35 57.71 -3.37
N GLN B 378 -11.25 57.24 -3.97
CA GLN B 378 -11.01 57.35 -5.39
C GLN B 378 -12.25 56.98 -6.22
N ARG B 379 -12.96 55.96 -5.80
CA ARG B 379 -14.17 55.56 -6.50
C ARG B 379 -15.31 56.55 -6.25
N ALA B 380 -15.31 57.21 -5.10
CA ALA B 380 -16.32 58.21 -4.79
C ALA B 380 -16.18 59.41 -5.74
N VAL B 381 -14.96 59.94 -5.82
CA VAL B 381 -14.64 61.02 -6.73
C VAL B 381 -15.10 60.70 -8.14
N ARG B 382 -14.73 59.52 -8.62
CA ARG B 382 -15.16 59.04 -9.94
C ARG B 382 -16.69 59.12 -10.11
N LEU B 383 -17.43 58.73 -9.08
CA LEU B 383 -18.90 58.67 -9.16
C LEU B 383 -19.52 60.04 -9.04
N ARG B 384 -18.88 60.93 -8.26
CA ARG B 384 -19.46 62.26 -8.07
C ARG B 384 -19.27 63.16 -9.30
N GLU B 385 -18.59 62.65 -10.33
CA GLU B 385 -18.21 63.51 -11.45
C GLU B 385 -18.53 62.96 -12.83
N SER B 386 -19.66 62.26 -12.96
CA SER B 386 -20.14 61.81 -14.24
C SER B 386 -21.68 61.97 -14.31
N PRO B 387 -22.20 62.18 -15.54
CA PRO B 387 -23.64 62.46 -15.73
C PRO B 387 -24.54 61.62 -14.81
N SER B 388 -24.22 60.34 -14.71
CA SER B 388 -24.89 59.39 -13.87
C SER B 388 -25.27 59.91 -12.47
N CYS B 389 -24.38 60.72 -11.89
CA CYS B 389 -24.56 61.10 -10.48
C CYS B 389 -24.65 62.59 -10.17
N LYS B 390 -25.12 63.40 -11.13
CA LYS B 390 -25.21 64.84 -10.89
C LYS B 390 -26.21 65.12 -9.75
N LYS B 391 -27.33 64.43 -9.84
CA LYS B 391 -28.47 64.67 -8.96
C LYS B 391 -28.23 64.32 -7.49
N PHE B 392 -27.43 63.29 -7.25
CA PHE B 392 -27.21 62.82 -5.87
C PHE B 392 -26.24 63.71 -5.11
N LYS B 393 -25.99 64.93 -5.64
CA LYS B 393 -24.96 65.82 -5.12
C LYS B 393 -24.96 65.96 -3.57
N HIS B 394 -26.15 65.90 -3.00
CA HIS B 394 -26.31 66.10 -1.55
C HIS B 394 -25.83 64.91 -0.71
N LEU B 395 -25.52 63.81 -1.39
CA LEU B 395 -25.06 62.58 -0.73
C LEU B 395 -23.53 62.52 -0.64
N PHE B 396 -22.84 63.54 -1.17
CA PHE B 396 -21.40 63.49 -1.26
C PHE B 396 -20.69 64.48 -0.36
N GLN B 397 -21.44 65.10 0.55
CA GLN B 397 -20.89 66.20 1.31
C GLN B 397 -19.94 65.70 2.41
N GLN B 398 -20.21 64.48 2.86
CA GLN B 398 -19.46 63.92 3.99
C GLN B 398 -18.00 63.63 3.61
N LEU B 399 -17.78 63.51 2.30
CA LEU B 399 -16.44 63.12 1.83
C LEU B 399 -15.28 63.96 2.37
N PRO B 400 -14.33 63.33 3.08
CA PRO B 400 -13.09 64.00 3.49
C PRO B 400 -12.21 64.32 2.28
N GLU B 401 -11.31 65.29 2.41
CA GLU B 401 -10.45 65.67 1.30
C GLU B 401 -9.11 64.99 1.45
N MET B 402 -9.14 63.67 1.58
CA MET B 402 -7.90 62.90 1.74
C MET B 402 -7.23 62.70 0.39
N ALA B 403 -6.20 63.49 0.12
CA ALA B 403 -5.45 63.42 -1.13
C ALA B 403 -3.98 63.05 -0.86
N VAL B 404 -3.32 62.46 -1.86
CA VAL B 404 -2.02 61.80 -1.69
C VAL B 404 -0.94 62.36 -2.64
N GLN B 405 0.19 62.65 -2.07
CA GLN B 405 1.32 63.30 -2.76
C GLN B 405 1.93 62.62 -4.01
N ASP B 406 2.49 63.44 -4.89
CA ASP B 406 3.08 62.98 -6.17
C ASP B 406 4.50 62.42 -6.05
N VAL B 407 4.81 61.34 -6.77
CA VAL B 407 6.15 60.77 -6.71
C VAL B 407 6.94 61.09 -7.99
N LYS B 408 8.23 60.80 -8.00
CA LYS B 408 9.10 60.97 -9.19
C LYS B 408 9.15 59.71 -10.09
N HIS B 409 9.05 59.88 -11.39
CA HIS B 409 8.78 58.76 -12.28
C HIS B 409 9.79 58.68 -13.41
N VAL B 410 10.35 57.51 -13.64
CA VAL B 410 11.28 57.34 -14.76
C VAL B 410 10.83 56.18 -15.64
N THR B 411 11.44 56.01 -16.79
CA THR B 411 11.07 54.95 -17.74
C THR B 411 12.32 54.25 -18.26
N ILE B 412 12.24 52.95 -18.49
CA ILE B 412 13.33 52.19 -19.10
C ILE B 412 12.74 51.22 -20.09
N THR B 413 13.50 50.76 -21.07
CA THR B 413 12.94 49.78 -22.03
C THR B 413 13.02 48.36 -21.48
N GLY B 414 12.12 47.52 -21.96
CA GLY B 414 12.07 46.11 -21.53
C GLY B 414 12.82 45.15 -22.44
N ARG B 415 12.73 43.86 -22.11
CA ARG B 415 13.34 42.79 -22.88
C ARG B 415 12.29 41.69 -22.82
N LEU B 416 12.18 40.87 -23.86
CA LEU B 416 11.30 39.69 -23.83
C LEU B 416 9.83 40.04 -24.07
N CYS B 417 8.97 39.15 -23.57
CA CYS B 417 7.51 39.31 -23.62
C CYS B 417 6.95 38.80 -22.30
N LEU B 441 9.48 38.29 -20.15
CA LEU B 441 10.29 39.22 -19.37
C LEU B 441 11.15 38.53 -18.31
N CYS B 442 12.46 38.79 -18.38
CA CYS B 442 13.36 38.52 -17.27
C CYS B 442 12.80 39.47 -16.22
N SER B 443 12.88 39.15 -14.93
CA SER B 443 12.02 39.80 -13.90
C SER B 443 12.16 41.31 -13.95
N VAL B 444 11.01 41.98 -14.04
CA VAL B 444 10.99 43.43 -14.12
C VAL B 444 11.96 44.01 -13.10
N GLU B 445 11.97 43.42 -11.91
CA GLU B 445 12.76 43.97 -10.83
C GLU B 445 14.24 43.81 -11.13
N GLU B 446 14.61 42.66 -11.70
CA GLU B 446 16.01 42.44 -12.02
C GLU B 446 16.51 43.44 -13.07
N LEU B 447 15.63 43.82 -14.01
CA LEU B 447 16.03 44.79 -15.01
C LEU B 447 16.26 46.14 -14.34
N ALA B 448 15.35 46.50 -13.45
CA ALA B 448 15.49 47.74 -12.68
C ALA B 448 16.79 47.74 -11.89
N LEU B 449 17.08 46.65 -11.20
CA LEU B 449 18.28 46.56 -10.39
C LEU B 449 19.53 46.80 -11.24
N ALA B 450 19.57 46.21 -12.43
CA ALA B 450 20.70 46.38 -13.34
C ALA B 450 20.88 47.84 -13.78
N HIS B 451 19.75 48.52 -13.97
CA HIS B 451 19.79 49.89 -14.39
C HIS B 451 20.29 50.81 -13.26
N TYR B 452 19.88 50.54 -12.03
CA TYR B 452 20.31 51.41 -10.97
C TYR B 452 21.77 51.16 -10.66
N ARG B 453 22.24 49.93 -10.86
CA ARG B 453 23.69 49.69 -10.77
C ARG B 453 24.44 50.45 -11.84
N ARG B 454 23.82 50.67 -12.98
CA ARG B 454 24.41 51.51 -14.01
C ARG B 454 24.35 52.96 -13.59
N SER B 455 23.39 53.30 -12.72
CA SER B 455 23.20 54.70 -12.36
C SER B 455 23.98 55.02 -11.09
N GLY B 456 24.85 54.09 -10.70
CA GLY B 456 25.71 54.27 -9.54
C GLY B 456 25.16 53.75 -8.22
N PHE B 457 24.09 52.97 -8.27
CA PHE B 457 23.59 52.35 -7.04
C PHE B 457 24.06 50.92 -7.01
N ASP B 458 25.25 50.70 -6.46
CA ASP B 458 25.94 49.45 -6.53
C ASP B 458 25.27 48.39 -5.66
N GLN B 459 24.63 48.84 -4.58
CA GLN B 459 23.81 47.92 -3.76
C GLN B 459 22.29 48.05 -4.05
N GLY B 460 21.57 46.93 -3.90
CA GLY B 460 20.16 46.87 -4.29
C GLY B 460 19.54 45.60 -3.76
N ILE B 461 18.29 45.69 -3.28
CA ILE B 461 17.59 44.55 -2.74
C ILE B 461 16.15 44.50 -3.26
N HIS B 462 15.65 43.30 -3.52
CA HIS B 462 14.28 43.14 -4.01
C HIS B 462 13.48 42.11 -3.20
N GLY B 463 13.21 42.46 -1.93
CA GLY B 463 12.48 41.57 -1.06
C GLY B 463 11.06 42.03 -0.82
N GLU B 464 10.65 43.07 -1.55
CA GLU B 464 9.32 43.68 -1.26
C GLU B 464 9.19 44.07 0.19
N GLY B 465 8.13 43.63 0.87
CA GLY B 465 7.95 43.95 2.25
C GLY B 465 8.93 43.23 3.16
N SER B 466 9.46 42.11 2.70
CA SER B 466 10.39 41.35 3.52
C SER B 466 11.65 42.15 3.81
N THR B 467 12.08 43.05 2.92
CA THR B 467 13.24 43.90 3.18
C THR B 467 13.08 44.63 4.52
N PHE B 468 12.02 45.43 4.61
CA PHE B 468 11.79 46.21 5.83
C PHE B 468 11.42 45.35 6.98
N SER B 469 10.63 44.31 6.74
CA SER B 469 10.14 43.48 7.83
C SER B 469 11.34 42.74 8.38
N THR B 470 12.33 42.45 7.54
CA THR B 470 13.54 41.82 8.10
C THR B 470 14.30 42.83 8.97
N LEU B 471 14.39 44.09 8.53
CA LEU B 471 15.08 45.10 9.34
C LEU B 471 14.30 45.31 10.66
N TYR B 472 12.99 45.41 10.55
CA TYR B 472 12.10 45.53 11.70
C TYR B 472 12.41 44.41 12.66
N GLY B 473 12.43 43.18 12.15
CA GLY B 473 12.77 42.00 12.94
C GLY B 473 14.10 42.08 13.65
N LEU B 474 15.13 42.55 12.95
CA LEU B 474 16.47 42.64 13.51
C LEU B 474 16.62 43.76 14.57
N LEU B 475 15.82 44.80 14.44
CA LEU B 475 15.81 45.89 15.37
C LEU B 475 14.89 45.71 16.57
N LEU B 476 13.87 44.87 16.45
CA LEU B 476 12.88 44.78 17.54
C LEU B 476 12.66 43.37 18.06
N TRP B 477 13.59 42.50 17.75
CA TRP B 477 13.51 41.08 18.05
C TRP B 477 13.05 40.77 19.48
N ASP B 478 13.72 41.35 20.46
CA ASP B 478 13.46 40.94 21.84
C ASP B 478 12.14 41.48 22.35
N ILE B 479 11.58 42.46 21.66
CA ILE B 479 10.23 42.92 21.99
C ILE B 479 9.18 42.04 21.28
N ILE B 480 9.39 41.77 20.00
CA ILE B 480 8.54 40.83 19.25
C ILE B 480 8.39 39.53 20.04
N PHE B 481 9.47 39.11 20.69
CA PHE B 481 9.46 37.84 21.39
C PHE B 481 9.45 37.94 22.92
N MET B 482 9.13 39.11 23.45
CA MET B 482 9.21 39.33 24.90
C MET B 482 8.28 38.49 25.74
N ASP B 483 8.71 38.18 26.97
CA ASP B 483 7.89 37.44 27.94
C ASP B 483 6.91 38.37 28.65
N GLY B 484 5.83 37.80 29.19
CA GLY B 484 4.87 38.58 29.92
C GLY B 484 3.57 38.89 29.17
N ILE B 485 3.48 38.42 27.94
CA ILE B 485 2.34 38.76 27.09
C ILE B 485 1.51 37.49 26.87
N PRO B 486 0.34 37.42 27.52
CA PRO B 486 -0.34 36.13 27.64
C PRO B 486 -0.85 35.61 26.30
N ASP B 487 -0.67 34.31 26.08
CA ASP B 487 -1.19 33.54 24.95
C ASP B 487 -0.53 33.73 23.58
N VAL B 488 0.57 34.46 23.53
CA VAL B 488 1.18 34.75 22.21
C VAL B 488 2.11 33.62 21.81
N PHE B 489 2.56 32.86 22.80
CA PHE B 489 3.44 31.74 22.54
C PHE B 489 2.78 30.45 23.05
N ARG B 490 2.44 29.55 22.15
CA ARG B 490 1.65 28.38 22.52
C ARG B 490 2.40 27.07 22.34
N ASN B 491 3.43 27.07 21.51
CA ASN B 491 4.36 25.98 21.44
C ASN B 491 5.76 26.48 21.12
N ALA B 492 6.78 25.62 21.21
CA ALA B 492 8.14 25.99 20.89
C ALA B 492 8.50 25.94 19.40
N CYS B 493 7.49 25.69 18.56
CA CYS B 493 7.67 25.70 17.11
C CYS B 493 6.86 26.77 16.39
N GLN B 494 6.74 27.95 16.97
CA GLN B 494 6.12 29.08 16.31
C GLN B 494 7.18 30.00 15.72
N ALA B 495 6.84 30.59 14.58
CA ALA B 495 7.75 31.53 13.92
C ALA B 495 7.40 32.99 14.28
N PHE B 496 6.37 33.19 15.10
CA PHE B 496 5.86 34.54 15.34
C PHE B 496 4.92 34.57 16.53
N PRO B 497 4.81 35.72 17.21
CA PRO B 497 3.85 35.81 18.31
C PRO B 497 2.43 35.77 17.73
N LEU B 498 1.47 35.14 18.43
CA LEU B 498 0.18 34.89 17.79
C LEU B 498 -0.60 36.18 17.50
N ASP B 499 -0.21 37.27 18.12
CA ASP B 499 -0.97 38.50 18.01
C ASP B 499 -0.34 39.42 16.98
N LEU B 500 0.66 38.89 16.28
CA LEU B 500 1.58 39.73 15.48
C LEU B 500 0.83 40.62 14.50
N CYS B 501 -0.12 40.01 13.79
CA CYS B 501 -0.85 40.62 12.70
C CYS B 501 -2.17 41.17 13.21
N THR B 502 -2.15 41.66 14.45
CA THR B 502 -3.38 42.17 15.01
C THR B 502 -3.09 43.50 15.71
N ASP B 503 -4.12 44.32 15.86
CA ASP B 503 -3.96 45.61 16.50
C ASP B 503 -3.44 45.42 17.93
N SER B 504 -3.77 44.31 18.55
CA SER B 504 -3.39 44.16 19.94
C SER B 504 -1.91 43.80 20.12
N PHE B 505 -1.18 43.59 19.03
CA PHE B 505 0.27 43.42 19.12
C PHE B 505 0.90 44.63 19.78
N PHE B 506 0.55 45.80 19.26
CA PHE B 506 1.10 47.08 19.70
C PHE B 506 0.58 47.43 21.08
N THR B 507 -0.73 47.32 21.27
CA THR B 507 -1.33 47.74 22.52
C THR B 507 -0.85 46.84 23.68
N SER B 508 -0.50 45.61 23.37
CA SER B 508 -0.03 44.71 24.40
C SER B 508 1.46 44.91 24.73
N ARG B 509 2.19 45.65 23.90
CA ARG B 509 3.61 45.84 24.18
C ARG B 509 3.99 47.31 24.08
N ARG B 510 2.99 48.16 24.33
CA ARG B 510 3.14 49.59 24.07
C ARG B 510 4.33 50.27 24.79
N PRO B 511 4.49 50.07 26.12
CA PRO B 511 5.61 50.68 26.80
C PRO B 511 6.98 50.33 26.17
N ALA B 512 7.17 49.05 25.90
CA ALA B 512 8.44 48.55 25.38
C ALA B 512 8.64 49.06 23.95
N LEU B 513 7.54 49.10 23.20
CA LEU B 513 7.59 49.56 21.82
C LEU B 513 7.88 51.04 21.78
N GLU B 514 7.16 51.82 22.60
CA GLU B 514 7.39 53.24 22.59
C GLU B 514 8.83 53.54 22.94
N ALA B 515 9.39 52.83 23.93
CA ALA B 515 10.79 53.07 24.34
C ALA B 515 11.76 52.66 23.28
N ARG B 516 11.44 51.63 22.49
CA ARG B 516 12.38 51.15 21.49
C ARG B 516 12.39 52.02 20.21
N LEU B 517 11.20 52.53 19.83
CA LEU B 517 11.04 53.36 18.64
C LEU B 517 11.70 54.77 18.76
N GLN B 518 11.57 55.37 19.95
CA GLN B 518 12.32 56.59 20.31
C GLN B 518 13.82 56.33 20.29
N LEU B 519 14.24 55.18 20.82
CA LEU B 519 15.65 54.85 20.87
C LEU B 519 16.27 54.62 19.50
N ILE B 520 15.43 54.22 18.55
CA ILE B 520 15.88 54.01 17.17
C ILE B 520 15.86 55.32 16.42
N HIS B 521 14.77 56.06 16.55
CA HIS B 521 14.63 57.37 15.92
C HIS B 521 15.85 58.29 16.19
N ASP B 522 16.39 58.27 17.39
CA ASP B 522 17.55 59.13 17.75
C ASP B 522 18.83 58.37 17.87
N ALA B 523 18.82 57.09 17.53
CA ALA B 523 20.00 56.26 17.69
C ALA B 523 21.15 56.72 16.81
N PRO B 524 22.43 56.64 17.32
CA PRO B 524 23.53 56.96 16.43
C PRO B 524 23.77 55.85 15.39
N GLU B 525 24.38 56.18 14.27
CA GLU B 525 24.52 55.21 13.19
C GLU B 525 25.26 53.98 13.67
N GLU B 526 26.24 54.20 14.53
CA GLU B 526 26.97 53.08 15.17
C GLU B 526 26.08 52.28 16.10
N SER B 527 25.16 52.93 16.78
CA SER B 527 24.14 52.23 17.53
C SER B 527 23.30 51.35 16.61
N LEU B 528 22.80 51.90 15.52
CA LEU B 528 21.94 51.17 14.59
C LEU B 528 22.62 49.90 14.10
N ARG B 529 23.83 50.07 13.61
CA ARG B 529 24.60 48.96 13.08
C ARG B 529 24.77 47.89 14.16
N ALA B 530 25.09 48.32 15.37
CA ALA B 530 25.40 47.40 16.50
C ALA B 530 24.20 46.66 17.04
N TRP B 531 23.03 47.30 17.16
CA TRP B 531 21.80 46.60 17.48
C TRP B 531 21.48 45.50 16.46
N VAL B 532 21.62 45.82 15.16
CA VAL B 532 21.36 44.86 14.12
C VAL B 532 22.29 43.66 14.27
N ALA B 533 23.57 43.95 14.49
CA ALA B 533 24.62 42.95 14.66
C ALA B 533 24.35 42.07 15.83
N ALA B 534 23.83 42.65 16.92
CA ALA B 534 23.52 41.87 18.12
C ALA B 534 22.55 40.73 17.76
N THR B 535 21.37 41.12 17.30
CA THR B 535 20.34 40.17 16.89
C THR B 535 20.90 39.22 15.82
N TRP B 536 21.55 39.75 14.80
CA TRP B 536 22.11 38.90 13.76
C TRP B 536 23.02 37.83 14.35
N HIS B 537 23.97 38.26 15.17
CA HIS B 537 24.93 37.35 15.76
C HIS B 537 24.28 36.33 16.68
N GLU B 538 23.31 36.74 17.46
CA GLU B 538 22.75 35.84 18.45
C GLU B 538 21.62 34.92 17.91
N GLN B 539 21.02 35.28 16.77
CA GLN B 539 19.82 34.63 16.29
C GLN B 539 19.93 34.06 14.86
N GLU B 540 21.02 34.32 14.14
CA GLU B 540 21.09 33.96 12.75
C GLU B 540 20.68 32.53 12.48
N GLY B 541 19.75 32.32 11.56
CA GLY B 541 19.27 30.97 11.27
C GLY B 541 17.93 30.63 11.89
N ARG B 542 17.66 31.19 13.08
CA ARG B 542 16.41 30.90 13.80
C ARG B 542 15.24 31.35 12.92
N VAL B 543 14.18 30.56 12.87
CA VAL B 543 13.13 30.81 11.92
C VAL B 543 12.08 31.76 12.48
N ALA B 544 12.06 32.96 11.91
CA ALA B 544 11.15 33.99 12.30
C ALA B 544 10.48 34.43 11.03
N SER B 545 9.16 34.43 11.02
CA SER B 545 8.40 34.66 9.79
C SER B 545 8.68 36.04 9.19
N LEU B 546 8.97 37.01 10.04
CA LEU B 546 9.25 38.38 9.62
C LEU B 546 10.59 38.52 8.94
N VAL B 547 11.53 37.65 9.31
CA VAL B 547 12.93 37.84 8.99
C VAL B 547 13.31 36.93 7.84
N SER B 548 13.97 37.51 6.84
CA SER B 548 14.58 36.71 5.76
C SER B 548 16.08 36.59 6.00
N TRP B 549 16.56 35.44 6.46
CA TRP B 549 17.95 35.34 6.81
C TRP B 549 18.88 35.43 5.60
N ASP B 550 18.28 35.43 4.44
CA ASP B 550 19.02 35.40 3.18
C ASP B 550 18.76 36.66 2.34
N ARG B 551 17.89 37.52 2.86
CA ARG B 551 17.60 38.77 2.18
C ARG B 551 18.88 39.61 1.99
N PHE B 552 19.69 39.69 3.03
CA PHE B 552 20.97 40.39 2.93
C PHE B 552 22.08 39.41 2.63
N THR B 553 23.12 39.84 1.92
CA THR B 553 24.22 38.96 1.60
C THR B 553 25.10 38.69 2.83
N SER B 554 24.91 39.49 3.88
CA SER B 554 25.82 39.52 5.05
C SER B 554 25.33 40.53 6.06
N LEU B 555 25.82 40.41 7.31
CA LEU B 555 25.46 41.37 8.34
C LEU B 555 25.85 42.78 7.92
N GLN B 556 26.97 42.88 7.21
CA GLN B 556 27.53 44.15 6.81
C GLN B 556 26.59 44.88 5.86
N GLN B 557 26.02 44.14 4.92
CA GLN B 557 25.05 44.73 4.00
C GLN B 557 23.89 45.30 4.80
N ALA B 558 23.41 44.54 5.77
CA ALA B 558 22.30 45.02 6.59
C ALA B 558 22.72 46.26 7.40
N GLN B 559 23.95 46.28 7.90
CA GLN B 559 24.45 47.44 8.61
C GLN B 559 24.58 48.62 7.67
N ASP B 560 25.09 48.38 6.48
CA ASP B 560 25.16 49.48 5.51
C ASP B 560 23.78 50.03 5.17
N LEU B 561 22.78 49.18 5.10
CA LEU B 561 21.45 49.66 4.76
C LEU B 561 20.87 50.49 5.90
N VAL B 562 20.99 50.01 7.14
CA VAL B 562 20.43 50.79 8.23
C VAL B 562 21.16 52.14 8.31
N SER B 563 22.45 52.18 7.96
CA SER B 563 23.17 53.47 7.96
C SER B 563 22.61 54.45 6.93
N CYS B 564 22.20 53.95 5.76
CA CYS B 564 21.65 54.84 4.71
C CYS B 564 20.24 55.27 5.09
N LEU B 565 19.44 54.36 5.62
CA LEU B 565 18.06 54.72 5.96
C LEU B 565 18.01 55.72 7.09
N GLY B 566 18.85 55.49 8.08
CA GLY B 566 18.92 56.29 9.28
C GLY B 566 17.80 55.99 10.24
N GLY B 567 18.01 56.39 11.50
CA GLY B 567 17.06 56.18 12.57
C GLY B 567 15.65 56.74 12.44
N PRO B 568 15.51 57.96 11.90
CA PRO B 568 14.20 58.57 11.74
C PRO B 568 13.25 57.80 10.81
N VAL B 569 13.77 57.44 9.63
CA VAL B 569 13.04 56.62 8.67
C VAL B 569 12.68 55.26 9.27
N LEU B 570 13.68 54.55 9.78
CA LEU B 570 13.48 53.25 10.40
C LEU B 570 12.38 53.31 11.48
N SER B 571 12.47 54.33 12.33
CA SER B 571 11.51 54.52 13.39
C SER B 571 10.11 54.70 12.80
N GLY B 572 10.04 55.46 11.72
CA GLY B 572 8.74 55.70 11.09
C GLY B 572 8.13 54.42 10.57
N VAL B 573 8.96 53.61 9.93
CA VAL B 573 8.53 52.39 9.31
C VAL B 573 8.12 51.37 10.38
N CYS B 574 8.98 51.21 11.38
CA CYS B 574 8.68 50.29 12.47
C CYS B 574 7.39 50.67 13.18
N ARG B 575 7.09 51.96 13.27
CA ARG B 575 5.87 52.36 13.95
C ARG B 575 4.62 51.90 13.15
N HIS B 576 4.65 52.11 11.85
CA HIS B 576 3.56 51.69 11.03
C HIS B 576 3.36 50.17 11.03
N LEU B 577 4.45 49.41 10.94
CA LEU B 577 4.39 47.94 11.01
C LEU B 577 3.87 47.41 12.35
N ALA B 578 4.29 48.04 13.44
CA ALA B 578 3.81 47.69 14.78
C ALA B 578 2.32 48.03 14.93
N ALA B 579 1.94 49.18 14.39
CA ALA B 579 0.62 49.74 14.63
C ALA B 579 -0.42 49.06 13.78
N ASP B 580 -0.01 48.65 12.59
CA ASP B 580 -0.91 48.08 11.61
C ASP B 580 -0.17 47.17 10.61
N PHE B 581 0.32 46.06 11.10
CA PHE B 581 1.14 45.15 10.32
C PHE B 581 0.51 44.58 9.04
N ARG B 582 -0.72 44.09 9.11
CA ARG B 582 -1.27 43.40 7.90
C ARG B 582 -1.31 44.35 6.73
N HIS B 583 -1.86 45.53 6.95
CA HIS B 583 -1.96 46.55 5.96
C HIS B 583 -0.61 47.16 5.58
N CYS B 584 0.24 47.36 6.57
CA CYS B 584 1.52 48.03 6.31
C CYS B 584 2.48 47.17 5.46
N ARG B 585 2.54 45.89 5.80
CA ARG B 585 3.54 45.02 5.18
C ARG B 585 3.40 44.98 3.65
N GLY B 586 2.15 45.04 3.18
CA GLY B 586 1.85 44.83 1.77
C GLY B 586 2.11 45.97 0.80
N GLY B 587 2.20 47.21 1.28
CA GLY B 587 2.34 48.33 0.37
C GLY B 587 3.76 48.81 0.17
N LEU B 588 4.75 48.11 0.76
CA LEU B 588 6.12 48.54 0.71
C LEU B 588 6.80 48.37 -0.65
N PRO B 589 7.65 49.35 -1.04
CA PRO B 589 8.28 49.36 -2.38
C PRO B 589 9.04 48.08 -2.68
N ALA B 590 8.94 47.65 -3.95
CA ALA B 590 9.65 46.44 -4.40
C ALA B 590 11.14 46.51 -4.07
N LEU B 591 11.72 47.69 -4.24
CA LEU B 591 13.17 47.82 -4.32
C LEU B 591 13.78 48.79 -3.33
N VAL B 592 14.95 48.47 -2.82
CA VAL B 592 15.81 49.51 -2.26
C VAL B 592 17.16 49.43 -2.91
N VAL B 593 17.61 50.54 -3.46
CA VAL B 593 18.97 50.63 -4.03
C VAL B 593 19.76 51.75 -3.36
N TRP B 594 21.05 51.51 -3.20
CA TRP B 594 21.92 52.54 -2.68
C TRP B 594 23.38 52.46 -3.14
N ASN B 595 23.98 53.66 -3.11
CA ASN B 595 25.37 53.91 -3.35
C ASN B 595 26.13 53.74 -2.01
N SER B 596 27.00 52.75 -1.91
CA SER B 596 27.58 52.39 -0.63
C SER B 596 28.60 53.44 -0.11
N GLN B 597 29.08 54.33 -0.98
CA GLN B 597 30.02 55.36 -0.54
C GLN B 597 29.30 56.58 -0.01
N SER B 598 28.45 57.19 -0.83
CA SER B 598 27.75 58.39 -0.40
C SER B 598 26.54 58.09 0.48
N ARG B 599 26.11 56.83 0.49
CA ARG B 599 24.90 56.41 1.21
C ARG B 599 23.62 57.07 0.67
N HIS B 600 23.72 57.60 -0.56
CA HIS B 600 22.53 57.99 -1.27
C HIS B 600 21.70 56.75 -1.65
N PHE B 601 20.42 56.80 -1.32
CA PHE B 601 19.54 55.66 -1.55
C PHE B 601 18.27 56.19 -2.22
N LYS B 602 17.59 55.28 -2.94
CA LYS B 602 16.23 55.48 -3.44
C LYS B 602 15.41 54.23 -3.15
N LEU B 603 14.17 54.40 -2.68
CA LEU B 603 13.26 53.27 -2.52
C LEU B 603 12.35 53.23 -3.73
N VAL B 604 12.41 52.13 -4.49
CA VAL B 604 11.81 52.08 -5.80
C VAL B 604 10.66 51.09 -5.86
N GLU B 605 9.54 51.58 -6.40
CA GLU B 605 8.48 50.69 -6.86
C GLU B 605 8.65 50.43 -8.37
N VAL B 606 8.61 49.17 -8.78
CA VAL B 606 8.91 48.82 -10.16
C VAL B 606 7.62 48.41 -10.90
N LYS B 607 7.40 48.96 -12.09
CA LYS B 607 6.14 48.74 -12.79
C LYS B 607 6.38 48.47 -14.27
N GLY B 608 6.09 47.23 -14.72
CA GLY B 608 6.11 46.93 -16.14
C GLY B 608 4.83 47.41 -16.85
N PRO B 609 4.72 47.17 -18.16
CA PRO B 609 3.47 47.44 -18.87
C PRO B 609 2.35 46.69 -18.16
N ASN B 610 1.17 47.30 -18.15
CA ASN B 610 -0.01 46.68 -17.49
C ASN B 610 0.16 46.65 -15.96
N ASP B 611 1.13 47.39 -15.47
CA ASP B 611 1.36 47.42 -14.05
C ASP B 611 1.25 48.81 -13.55
N ARG B 612 0.39 49.04 -12.57
CA ARG B 612 0.15 50.39 -12.05
C ARG B 612 0.09 50.35 -10.55
N LEU B 613 0.46 51.45 -9.90
CA LEU B 613 0.43 51.50 -8.44
C LEU B 613 -0.95 51.12 -7.91
N SER B 614 -0.97 50.21 -6.95
CA SER B 614 -2.20 49.90 -6.24
C SER B 614 -2.38 50.91 -5.15
N HIS B 615 -3.55 50.99 -4.51
CA HIS B 615 -3.85 52.00 -3.52
C HIS B 615 -2.88 51.95 -2.32
N LYS B 616 -2.67 50.74 -1.82
CA LYS B 616 -1.74 50.53 -0.68
C LYS B 616 -0.37 51.06 -0.99
N GLN B 617 0.14 50.73 -2.18
CA GLN B 617 1.46 51.17 -2.57
C GLN B 617 1.52 52.69 -2.68
N MET B 618 0.45 53.32 -3.19
CA MET B 618 0.42 54.77 -3.28
C MET B 618 0.41 55.39 -1.90
N ILE B 619 -0.33 54.81 -0.95
CA ILE B 619 -0.36 55.36 0.41
C ILE B 619 1.01 55.27 1.09
N TRP B 620 1.75 54.21 0.83
CA TRP B 620 3.09 54.02 1.43
C TRP B 620 4.23 54.80 0.82
N LEU B 621 4.20 55.00 -0.49
CA LEU B 621 5.23 55.80 -1.13
C LEU B 621 5.17 57.25 -0.59
N ALA B 622 3.96 57.78 -0.52
CA ALA B 622 3.71 59.09 0.09
C ALA B 622 4.16 59.13 1.53
N GLU B 623 3.77 58.15 2.34
CA GLU B 623 4.21 58.15 3.74
C GLU B 623 5.74 58.16 3.86
N LEU B 624 6.41 57.36 3.04
CA LEU B 624 7.85 57.30 3.07
C LEU B 624 8.43 58.63 2.66
N GLN B 625 7.82 59.22 1.63
CA GLN B 625 8.24 60.53 1.17
C GLN B 625 8.11 61.57 2.30
N LYS B 626 7.05 61.45 3.09
CA LYS B 626 6.82 62.35 4.24
C LYS B 626 7.92 62.18 5.29
N LEU B 627 8.49 60.99 5.43
CA LEU B 627 9.57 60.79 6.37
C LEU B 627 10.89 61.29 5.76
N GLY B 628 10.81 61.87 4.55
CA GLY B 628 11.98 62.43 3.91
C GLY B 628 12.82 61.44 3.11
N ALA B 629 12.39 60.18 3.05
CA ALA B 629 13.11 59.19 2.28
C ALA B 629 12.90 59.43 0.80
N GLU B 630 13.89 59.14 -0.04
CA GLU B 630 13.70 59.48 -1.42
C GLU B 630 13.06 58.31 -2.19
N VAL B 631 11.93 58.55 -2.84
CA VAL B 631 11.16 57.46 -3.43
C VAL B 631 11.01 57.69 -4.92
N GLU B 632 10.88 56.59 -5.65
CA GLU B 632 10.80 56.65 -7.09
C GLU B 632 9.94 55.48 -7.63
N VAL B 633 9.25 55.75 -8.75
CA VAL B 633 8.55 54.72 -9.51
C VAL B 633 9.30 54.45 -10.80
N CYS B 634 9.79 53.21 -10.97
CA CYS B 634 10.55 52.86 -12.15
C CYS B 634 9.70 52.02 -13.14
N HIS B 635 9.39 52.59 -14.30
CA HIS B 635 8.59 51.88 -15.29
C HIS B 635 9.49 51.22 -16.34
N VAL B 636 9.26 49.94 -16.55
CA VAL B 636 9.87 49.25 -17.65
C VAL B 636 8.91 49.29 -18.85
N VAL B 637 9.39 49.78 -19.98
CA VAL B 637 8.51 49.85 -21.17
C VAL B 637 8.74 48.67 -22.11
N ALA B 638 7.66 48.22 -22.75
CA ALA B 638 7.72 47.03 -23.60
C ALA B 638 8.74 47.21 -24.71
N VAL B 639 9.42 46.12 -25.05
CA VAL B 639 10.34 46.07 -26.20
C VAL B 639 9.72 45.51 -27.49
#